data_4L1F
#
_entry.id   4L1F
#
_cell.length_a   109.100
_cell.length_b   141.400
_cell.length_c   64.100
_cell.angle_alpha   90.00
_cell.angle_beta   90.00
_cell.angle_gamma   90.00
#
_symmetry.space_group_name_H-M   'P 21 21 2'
#
loop_
_entity.id
_entity.type
_entity.pdbx_description
1 polymer 'Acyl-CoA dehydrogenase domain protein'
2 non-polymer 'FLAVIN-ADENINE DINUCLEOTIDE'
3 non-polymer 'COENZYME A PERSULFIDE'
4 non-polymer 'SODIUM ION'
5 non-polymer 1,3-PROPANDIOL
6 non-polymer 'PHOSPHATE ION'
7 water water
#
_entity_poly.entity_id   1
_entity_poly.type   'polypeptide(L)'
_entity_poly.pdbx_seq_one_letter_code
;MDFNLTEDQQMIKDMAAEFAEKFLAPTVEERDKAHIWDRKLIDKMGEAGFCGICFPEEYGGMGLDVLSYILAVEELSKVD
DGTGITLSANVSLCATPIYMFGTEEQKQKYLAPIAEGTHVGAFGLTEPSAGTDASAQQTTAVLKGDKYILNGSKIFITNG
KEADTYVVFAMTDKSQGVHGISAFILEKGMPGFRFGKIEDKMGGHTSITAELIFEDCEVPKENLLGKEGEGFKIAMETLD
GGRIGVAAQALGIAEGALAAAVKYSKEREQFGRSISKFQALQFMMADMATKIEAARYLVYHAAMLKNEGKPYSEAAAMAK
CFASDVAMEVTTDAVQIFGGYGYTVDYPAERYMRNAKITQIYEGTNQVMRIVTSRALLRDKKK
;
_entity_poly.pdbx_strand_id   A,B
#
# COMPACT_ATOMS: atom_id res chain seq x y z
N MET A 1 14.87 10.72 -35.91
CA MET A 1 14.74 10.59 -34.42
C MET A 1 15.75 11.33 -33.63
N ASP A 2 15.29 11.88 -32.51
CA ASP A 2 16.10 12.63 -31.66
C ASP A 2 15.53 12.43 -30.27
N PHE A 3 16.34 11.90 -29.36
CA PHE A 3 15.94 11.66 -28.01
C PHE A 3 16.40 12.78 -27.11
N ASN A 4 16.98 13.84 -27.64
CA ASN A 4 17.44 14.92 -26.77
C ASN A 4 16.29 15.86 -26.44
N LEU A 5 16.23 16.37 -25.20
CA LEU A 5 15.27 17.39 -24.88
C LEU A 5 15.65 18.65 -25.65
N THR A 6 14.66 19.47 -25.94
CA THR A 6 14.94 20.84 -26.42
C THR A 6 15.36 21.66 -25.28
N GLU A 7 15.92 22.82 -25.61
CA GLU A 7 16.34 23.75 -24.59
C GLU A 7 15.16 24.17 -23.69
N ASP A 8 13.99 24.38 -24.28
CA ASP A 8 12.80 24.76 -23.49
C ASP A 8 12.38 23.58 -22.57
N GLN A 9 12.39 22.39 -23.11
CA GLN A 9 11.99 21.22 -22.32
C GLN A 9 12.94 21.07 -21.16
N GLN A 10 14.24 21.23 -21.39
CA GLN A 10 15.20 21.09 -20.32
C GLN A 10 15.05 22.18 -19.26
N MET A 11 14.84 23.41 -19.72
CA MET A 11 14.57 24.53 -18.83
C MET A 11 13.36 24.34 -17.91
N ILE A 12 12.27 23.80 -18.43
CA ILE A 12 11.07 23.50 -17.72
C ILE A 12 11.35 22.38 -16.71
N LYS A 13 12.08 21.37 -17.14
CA LYS A 13 12.39 20.26 -16.23
C LYS A 13 13.19 20.77 -15.08
N ASP A 14 14.17 21.61 -15.39
CA ASP A 14 15.01 22.20 -14.32
C ASP A 14 14.25 23.13 -13.34
N MET A 15 13.31 23.93 -13.87
CA MET A 15 12.45 24.77 -13.11
C MET A 15 11.55 24.00 -12.16
N ALA A 16 11.04 22.89 -12.66
CA ALA A 16 10.24 21.98 -11.87
C ALA A 16 11.06 21.31 -10.77
N ALA A 17 12.25 20.88 -11.08
CA ALA A 17 13.10 20.19 -10.08
C ALA A 17 13.46 21.21 -8.97
N GLU A 18 13.75 22.44 -9.38
CA GLU A 18 14.03 23.53 -8.40
C GLU A 18 12.84 23.86 -7.50
N PHE A 19 11.66 23.98 -8.08
CA PHE A 19 10.40 24.13 -7.33
C PHE A 19 10.17 23.00 -6.35
N ALA A 20 10.26 21.79 -6.85
CA ALA A 20 10.10 20.62 -5.97
C ALA A 20 11.08 20.66 -4.77
N GLU A 21 12.33 20.96 -5.05
CA GLU A 21 13.36 20.93 -4.02
C GLU A 21 13.12 21.99 -2.95
N LYS A 22 12.69 23.17 -3.40
CA LYS A 22 12.47 24.31 -2.51
C LYS A 22 11.18 24.27 -1.78
N PHE A 23 10.10 23.92 -2.47
CA PHE A 23 8.76 24.10 -1.93
C PHE A 23 8.07 22.80 -1.54
N LEU A 24 8.42 21.71 -2.18
CA LEU A 24 7.72 20.43 -1.91
C LEU A 24 8.41 19.49 -0.94
N ALA A 25 9.67 19.27 -1.19
CA ALA A 25 10.47 18.31 -0.44
C ALA A 25 10.56 18.58 1.03
N PRO A 26 10.67 19.87 1.38
CA PRO A 26 10.87 20.07 2.83
C PRO A 26 9.65 19.77 3.66
N THR A 27 8.44 19.78 3.06
CA THR A 27 7.22 19.59 3.77
C THR A 27 6.32 18.37 3.38
N VAL A 28 6.75 17.63 2.38
CA VAL A 28 5.86 16.59 1.90
C VAL A 28 5.60 15.53 2.95
N GLU A 29 6.58 15.18 3.77
CA GLU A 29 6.38 14.17 4.74
C GLU A 29 5.32 14.60 5.72
N GLU A 30 5.49 15.79 6.26
CA GLU A 30 4.48 16.36 7.16
C GLU A 30 3.09 16.53 6.56
N ARG A 31 3.02 17.02 5.33
CA ARG A 31 1.73 17.19 4.71
C ARG A 31 1.05 15.87 4.39
N ASP A 32 1.85 14.88 4.01
CA ASP A 32 1.30 13.55 3.82
C ASP A 32 0.72 12.93 5.07
N LYS A 33 1.48 13.01 6.16
CA LYS A 33 1.06 12.43 7.44
C LYS A 33 -0.19 13.07 7.90
N ALA A 34 -0.32 14.37 7.70
CA ALA A 34 -1.47 15.12 8.18
C ALA A 34 -2.57 15.25 7.17
N HIS A 35 -2.44 14.69 5.94
CA HIS A 35 -3.43 14.75 4.89
C HIS A 35 -3.74 16.17 4.52
N ILE A 36 -2.73 16.90 4.22
CA ILE A 36 -3.02 18.34 3.92
C ILE A 36 -2.91 18.63 2.45
N TRP A 37 -3.85 19.35 1.92
CA TRP A 37 -3.77 19.91 0.56
C TRP A 37 -3.60 21.43 0.83
N ASP A 38 -2.39 21.91 0.66
CA ASP A 38 -2.06 23.29 1.08
C ASP A 38 -2.30 24.24 -0.06
N ARG A 39 -3.37 24.99 -0.04
CA ARG A 39 -3.67 25.90 -1.17
C ARG A 39 -2.58 26.93 -1.38
N LYS A 40 -1.85 27.32 -0.33
CA LYS A 40 -0.80 28.38 -0.55
C LYS A 40 0.35 27.82 -1.36
N LEU A 41 0.63 26.53 -1.21
CA LEU A 41 1.63 25.88 -2.03
C LEU A 41 1.18 25.72 -3.43
N ILE A 42 -0.10 25.31 -3.59
CA ILE A 42 -0.64 25.17 -4.89
C ILE A 42 -0.65 26.51 -5.65
N ASP A 43 -0.99 27.56 -4.90
CA ASP A 43 -0.85 28.92 -5.45
C ASP A 43 0.57 29.29 -5.85
N LYS A 44 1.56 28.89 -5.07
CA LYS A 44 2.94 29.12 -5.48
C LYS A 44 3.37 28.38 -6.77
N MET A 45 2.85 27.15 -6.94
CA MET A 45 3.08 26.48 -8.18
C MET A 45 2.46 27.22 -9.34
N GLY A 46 1.24 27.69 -9.13
CA GLY A 46 0.56 28.39 -10.21
C GLY A 46 1.30 29.67 -10.53
N GLU A 47 1.72 30.36 -9.51
CA GLU A 47 2.55 31.58 -9.74
C GLU A 47 3.88 31.32 -10.41
N ALA A 48 4.49 30.15 -10.22
CA ALA A 48 5.70 29.81 -10.87
C ALA A 48 5.49 29.46 -12.35
N GLY A 49 4.25 29.27 -12.81
CA GLY A 49 3.95 29.16 -14.24
C GLY A 49 3.52 27.77 -14.72
N PHE A 50 3.56 26.80 -13.83
CA PHE A 50 3.41 25.42 -14.22
C PHE A 50 2.08 25.14 -14.91
N CYS A 51 1.05 25.85 -14.55
CA CYS A 51 -0.28 25.59 -15.10
C CYS A 51 -0.43 26.12 -16.47
N GLY A 52 0.50 26.97 -16.93
CA GLY A 52 0.34 27.59 -18.20
C GLY A 52 1.38 27.23 -19.19
N ILE A 53 2.21 26.18 -18.87
CA ILE A 53 3.31 25.80 -19.74
C ILE A 53 2.87 25.63 -21.16
N CYS A 54 1.83 24.84 -21.39
CA CYS A 54 1.51 24.40 -22.71
C CYS A 54 0.33 25.19 -23.33
N PHE A 55 -0.10 26.31 -22.72
CA PHE A 55 -1.15 27.10 -23.32
C PHE A 55 -0.52 28.40 -24.00
N PRO A 56 -1.12 28.87 -25.10
CA PRO A 56 -0.67 30.15 -25.79
C PRO A 56 -0.55 31.30 -24.81
N GLU A 57 0.38 32.19 -25.10
CA GLU A 57 0.51 33.39 -24.33
C GLU A 57 -0.75 34.25 -24.40
N GLU A 58 -1.49 34.19 -25.47
CA GLU A 58 -2.75 34.95 -25.58
C GLU A 58 -3.85 34.51 -24.59
N TYR A 59 -3.65 33.34 -23.93
CA TYR A 59 -4.57 32.81 -22.90
C TYR A 59 -3.88 32.63 -21.54
N GLY A 60 -2.78 33.35 -21.31
CA GLY A 60 -2.10 33.45 -20.05
C GLY A 60 -1.00 32.44 -19.82
N GLY A 61 -0.72 31.64 -20.83
CA GLY A 61 0.33 30.63 -20.67
C GLY A 61 1.68 31.04 -21.24
N MET A 62 2.62 30.11 -21.23
CA MET A 62 3.97 30.33 -21.75
C MET A 62 4.17 30.10 -23.21
N GLY A 63 3.25 29.46 -23.88
CA GLY A 63 3.41 29.18 -25.28
C GLY A 63 4.33 28.01 -25.60
N LEU A 64 4.60 27.14 -24.64
CA LEU A 64 5.48 26.04 -24.92
C LEU A 64 4.66 24.75 -25.23
N ASP A 65 5.36 23.61 -25.30
CA ASP A 65 4.78 22.39 -25.85
C ASP A 65 4.26 21.44 -24.73
N VAL A 66 3.58 20.40 -25.18
CA VAL A 66 3.00 19.38 -24.32
C VAL A 66 4.05 18.67 -23.53
N LEU A 67 5.11 18.25 -24.14
CA LEU A 67 6.13 17.52 -23.41
C LEU A 67 6.77 18.34 -22.28
N SER A 68 6.93 19.64 -22.43
CA SER A 68 7.43 20.45 -21.33
C SER A 68 6.52 20.37 -20.14
N TYR A 69 5.23 20.41 -20.40
CA TYR A 69 4.28 20.30 -19.32
C TYR A 69 4.36 18.89 -18.61
N ILE A 70 4.41 17.87 -19.43
CA ILE A 70 4.52 16.48 -18.95
C ILE A 70 5.82 16.25 -18.15
N LEU A 71 6.93 16.83 -18.57
CA LEU A 71 8.13 16.83 -17.79
C LEU A 71 7.98 17.44 -16.43
N ALA A 72 7.20 18.50 -16.33
CA ALA A 72 7.03 19.19 -15.05
C ALA A 72 6.17 18.30 -14.12
N VAL A 73 5.15 17.64 -14.67
CA VAL A 73 4.31 16.76 -13.83
C VAL A 73 5.18 15.63 -13.31
N GLU A 74 6.01 15.10 -14.20
CA GLU A 74 6.92 14.01 -13.78
C GLU A 74 7.88 14.48 -12.66
N GLU A 75 8.53 15.62 -12.85
CA GLU A 75 9.50 16.09 -11.93
C GLU A 75 8.90 16.40 -10.57
N LEU A 76 7.69 16.98 -10.53
CA LEU A 76 7.03 17.27 -9.31
C LEU A 76 6.66 15.96 -8.61
N SER A 77 6.28 15.00 -9.41
CA SER A 77 5.77 13.71 -8.89
C SER A 77 6.91 12.84 -8.32
N LYS A 78 8.16 13.14 -8.65
CA LYS A 78 9.30 12.47 -8.04
C LYS A 78 9.32 12.75 -6.53
N VAL A 79 8.75 13.88 -6.15
CA VAL A 79 8.85 14.40 -4.81
C VAL A 79 7.50 14.40 -4.09
N ASP A 80 6.47 14.91 -4.77
CA ASP A 80 5.16 15.00 -4.19
C ASP A 80 4.14 14.80 -5.28
N ASP A 81 3.76 13.58 -5.48
CA ASP A 81 2.90 13.31 -6.65
C ASP A 81 1.44 13.76 -6.33
N GLY A 82 1.09 14.03 -5.06
CA GLY A 82 -0.14 14.72 -4.71
C GLY A 82 -0.22 16.13 -5.33
N THR A 83 0.85 16.87 -5.31
CA THR A 83 0.92 18.11 -5.99
C THR A 83 0.95 17.89 -7.48
N GLY A 84 1.63 16.83 -7.94
CA GLY A 84 1.70 16.48 -9.35
C GLY A 84 0.30 16.29 -9.96
N ILE A 85 -0.56 15.55 -9.28
CA ILE A 85 -1.90 15.29 -9.80
C ILE A 85 -2.80 16.50 -9.68
N THR A 86 -2.54 17.33 -8.69
CA THR A 86 -3.20 18.61 -8.59
C THR A 86 -2.97 19.45 -9.85
N LEU A 87 -1.72 19.54 -10.35
CA LEU A 87 -1.34 20.26 -11.53
C LEU A 87 -1.95 19.60 -12.75
N SER A 88 -1.95 18.26 -12.72
CA SER A 88 -2.44 17.60 -13.90
C SER A 88 -3.96 17.74 -14.06
N ALA A 89 -4.70 17.67 -12.97
CA ALA A 89 -6.13 17.87 -13.03
C ALA A 89 -6.41 19.33 -13.50
N ASN A 90 -5.65 20.27 -12.97
CA ASN A 90 -5.77 21.70 -13.38
C ASN A 90 -5.64 21.86 -14.92
N VAL A 91 -4.58 21.31 -15.50
CA VAL A 91 -4.19 21.51 -16.85
C VAL A 91 -4.88 20.59 -17.78
N SER A 92 -4.73 19.29 -17.58
CA SER A 92 -5.20 18.31 -18.57
C SER A 92 -6.73 18.14 -18.46
N LEU A 93 -7.31 18.17 -17.25
CA LEU A 93 -8.70 17.82 -17.10
C LEU A 93 -9.59 19.01 -17.10
N CYS A 94 -9.13 20.19 -16.71
CA CYS A 94 -10.02 21.35 -16.68
C CYS A 94 -9.67 22.35 -17.72
N ALA A 95 -8.48 22.86 -17.68
CA ALA A 95 -8.07 23.87 -18.65
C ALA A 95 -8.11 23.43 -20.12
N THR A 96 -7.63 22.22 -20.41
CA THR A 96 -7.56 21.73 -21.73
C THR A 96 -8.91 21.71 -22.45
N PRO A 97 -9.97 21.17 -21.84
CA PRO A 97 -11.22 21.16 -22.57
C PRO A 97 -11.81 22.58 -22.79
N ILE A 98 -11.49 23.46 -21.90
CA ILE A 98 -11.95 24.86 -22.09
C ILE A 98 -11.14 25.37 -23.29
N TYR A 99 -9.82 25.14 -23.32
CA TYR A 99 -9.00 25.54 -24.45
C TYR A 99 -9.48 24.95 -25.77
N MET A 100 -9.79 23.66 -25.72
N MET A 100 -9.82 23.68 -25.74
CA MET A 100 -10.13 22.94 -26.94
CA MET A 100 -10.11 23.01 -26.99
C MET A 100 -11.52 23.24 -27.44
C MET A 100 -11.54 23.23 -27.45
N PHE A 101 -12.46 23.44 -26.54
CA PHE A 101 -13.90 23.49 -26.94
C PHE A 101 -14.57 24.84 -26.65
N GLY A 102 -13.85 25.68 -25.92
CA GLY A 102 -14.51 26.86 -25.39
C GLY A 102 -14.59 27.96 -26.44
N THR A 103 -15.54 28.86 -26.24
CA THR A 103 -15.58 30.08 -27.04
C THR A 103 -14.43 30.97 -26.61
N GLU A 104 -14.13 32.00 -27.41
CA GLU A 104 -13.16 32.97 -26.92
C GLU A 104 -13.51 33.57 -25.62
N GLU A 105 -14.77 33.91 -25.40
CA GLU A 105 -15.21 34.43 -24.15
C GLU A 105 -14.93 33.47 -23.02
N GLN A 106 -15.26 32.21 -23.22
CA GLN A 106 -14.93 31.26 -22.12
C GLN A 106 -13.46 31.06 -21.83
N LYS A 107 -12.65 31.11 -22.84
CA LYS A 107 -11.20 30.95 -22.71
C LYS A 107 -10.59 32.08 -21.94
N GLN A 108 -11.06 33.28 -22.28
CA GLN A 108 -10.58 34.45 -21.49
C GLN A 108 -11.05 34.46 -20.13
N LYS A 109 -12.28 33.99 -19.86
CA LYS A 109 -12.74 34.06 -18.53
C LYS A 109 -12.21 32.96 -17.60
N TYR A 110 -12.19 31.76 -18.18
CA TYR A 110 -11.95 30.52 -17.37
C TYR A 110 -10.63 29.89 -17.66
N LEU A 111 -10.16 29.85 -18.88
CA LEU A 111 -8.86 29.26 -19.06
C LEU A 111 -7.73 30.15 -18.54
N ALA A 112 -7.81 31.45 -18.83
CA ALA A 112 -6.67 32.33 -18.51
C ALA A 112 -6.30 32.36 -17.09
N PRO A 113 -7.26 32.43 -16.15
CA PRO A 113 -6.85 32.40 -14.77
C PRO A 113 -6.24 31.09 -14.30
N ILE A 114 -6.58 29.98 -14.97
CA ILE A 114 -5.86 28.73 -14.60
C ILE A 114 -4.46 28.79 -15.13
N ALA A 115 -4.27 29.16 -16.42
CA ALA A 115 -2.97 29.30 -16.98
C ALA A 115 -2.04 30.27 -16.23
N GLU A 116 -2.63 31.35 -15.73
CA GLU A 116 -1.92 32.39 -14.96
C GLU A 116 -1.55 31.97 -13.56
N GLY A 117 -2.17 30.88 -13.06
CA GLY A 117 -1.94 30.40 -11.69
C GLY A 117 -2.89 30.79 -10.59
N THR A 118 -3.96 31.52 -10.90
CA THR A 118 -4.93 32.05 -9.92
C THR A 118 -6.02 31.08 -9.51
N HIS A 119 -6.40 30.27 -10.47
CA HIS A 119 -7.57 29.40 -10.29
C HIS A 119 -7.18 27.92 -10.39
N VAL A 120 -7.75 27.17 -9.48
CA VAL A 120 -7.59 25.66 -9.49
C VAL A 120 -8.84 25.10 -10.21
N GLY A 121 -8.64 24.04 -11.02
CA GLY A 121 -9.65 23.49 -11.88
C GLY A 121 -9.91 22.05 -11.52
N ALA A 122 -11.10 21.57 -11.87
CA ALA A 122 -11.48 20.17 -11.62
C ALA A 122 -12.40 19.72 -12.75
N PHE A 123 -12.56 18.41 -12.87
CA PHE A 123 -13.29 17.71 -13.95
C PHE A 123 -14.25 16.70 -13.25
N GLY A 124 -15.55 16.92 -13.51
CA GLY A 124 -16.63 16.21 -12.80
C GLY A 124 -17.35 15.30 -13.76
N LEU A 125 -16.85 14.06 -13.92
CA LEU A 125 -17.53 13.09 -14.78
C LEU A 125 -18.16 11.88 -14.04
N THR A 126 -17.37 11.30 -13.17
CA THR A 126 -17.72 10.06 -12.41
C THR A 126 -18.90 10.25 -11.43
N GLU A 127 -19.86 9.30 -11.48
CA GLU A 127 -20.96 9.24 -10.64
C GLU A 127 -20.97 7.87 -9.96
N PRO A 128 -21.76 7.71 -8.91
CA PRO A 128 -21.89 6.41 -8.23
C PRO A 128 -22.20 5.24 -9.20
N SER A 129 -23.04 5.49 -10.20
CA SER A 129 -23.37 4.49 -11.15
C SER A 129 -22.65 4.57 -12.49
N ALA A 130 -21.79 5.54 -12.66
CA ALA A 130 -21.08 5.71 -13.91
C ALA A 130 -19.56 5.94 -13.63
N GLY A 131 -18.80 4.87 -13.61
CA GLY A 131 -17.32 4.95 -13.38
C GLY A 131 -16.69 4.60 -14.68
N THR A 132 -16.43 3.31 -14.92
CA THR A 132 -15.89 2.90 -16.20
C THR A 132 -16.92 3.14 -17.33
N ASP A 133 -18.19 2.84 -17.01
CA ASP A 133 -19.30 3.05 -17.89
C ASP A 133 -19.69 4.54 -17.76
N ALA A 134 -18.81 5.35 -18.34
CA ALA A 134 -18.88 6.78 -18.12
C ALA A 134 -20.06 7.38 -18.85
N SER A 135 -20.57 6.71 -19.88
CA SER A 135 -21.73 7.28 -20.57
C SER A 135 -23.04 7.18 -19.82
N ALA A 136 -23.08 6.44 -18.70
CA ALA A 136 -24.31 6.13 -17.96
C ALA A 136 -24.67 7.23 -16.96
N GLN A 137 -24.58 8.48 -17.44
CA GLN A 137 -24.69 9.68 -16.62
C GLN A 137 -26.12 9.82 -16.17
N GLN A 138 -26.35 10.04 -14.86
CA GLN A 138 -27.68 10.36 -14.34
C GLN A 138 -27.88 11.80 -13.88
N THR A 139 -26.81 12.55 -13.57
CA THR A 139 -26.95 14.01 -13.41
C THR A 139 -27.64 14.60 -14.64
N THR A 140 -28.68 15.42 -14.40
CA THR A 140 -29.41 16.02 -15.48
C THR A 140 -29.15 17.56 -15.55
N ALA A 141 -29.27 18.08 -16.76
CA ALA A 141 -29.28 19.52 -17.01
C ALA A 141 -30.45 19.88 -17.91
N VAL A 142 -31.28 20.80 -17.42
CA VAL A 142 -32.50 21.21 -18.12
C VAL A 142 -32.48 22.75 -18.31
N LEU A 143 -32.58 23.17 -19.55
CA LEU A 143 -32.62 24.58 -19.93
C LEU A 143 -33.94 25.15 -19.46
N LYS A 144 -33.87 26.12 -18.58
CA LYS A 144 -35.01 26.95 -18.16
C LYS A 144 -34.62 28.42 -18.30
N GLY A 145 -34.99 28.99 -19.43
CA GLY A 145 -34.81 30.42 -19.70
C GLY A 145 -33.34 30.68 -19.97
N ASP A 146 -32.70 31.46 -19.11
CA ASP A 146 -31.31 31.84 -19.40
C ASP A 146 -30.32 30.98 -18.55
N LYS A 147 -30.83 29.89 -17.95
CA LYS A 147 -30.04 29.01 -17.09
C LYS A 147 -30.27 27.55 -17.48
N TYR A 148 -29.25 26.72 -17.25
CA TYR A 148 -29.50 25.28 -17.16
C TYR A 148 -29.61 24.99 -15.70
N ILE A 149 -30.53 24.08 -15.34
CA ILE A 149 -30.71 23.71 -13.98
C ILE A 149 -30.15 22.27 -13.85
N LEU A 150 -29.19 22.09 -12.98
CA LEU A 150 -28.42 20.84 -12.82
C LEU A 150 -28.84 20.18 -11.55
N ASN A 151 -29.05 18.88 -11.65
CA ASN A 151 -29.35 18.05 -10.55
C ASN A 151 -28.64 16.69 -10.60
N GLY A 152 -27.95 16.38 -9.53
CA GLY A 152 -27.18 15.13 -9.43
C GLY A 152 -26.01 15.31 -8.50
N SER A 153 -24.93 14.59 -8.83
CA SER A 153 -23.77 14.56 -7.97
C SER A 153 -22.65 13.92 -8.81
N LYS A 154 -21.41 14.23 -8.43
CA LYS A 154 -20.24 13.55 -8.92
C LYS A 154 -19.43 13.05 -7.71
N ILE A 155 -18.67 11.99 -7.89
CA ILE A 155 -17.83 11.48 -6.84
C ILE A 155 -16.38 11.33 -7.32
N PHE A 156 -15.50 11.36 -6.34
CA PHE A 156 -14.06 11.18 -6.50
C PHE A 156 -13.44 12.26 -7.38
N ILE A 157 -13.80 13.50 -7.18
CA ILE A 157 -13.29 14.53 -8.06
C ILE A 157 -12.01 15.16 -7.52
N THR A 158 -10.92 14.98 -8.23
CA THR A 158 -9.61 15.56 -7.89
C THR A 158 -9.77 17.11 -7.89
N ASN A 159 -9.26 17.73 -6.82
CA ASN A 159 -9.28 19.20 -6.60
C ASN A 159 -10.70 19.62 -6.27
N GLY A 160 -11.60 18.66 -6.05
CA GLY A 160 -12.95 18.99 -5.70
C GLY A 160 -12.98 19.78 -4.41
N LYS A 161 -14.06 20.52 -4.22
CA LYS A 161 -14.27 21.42 -3.07
C LYS A 161 -13.40 22.66 -3.16
N GLU A 162 -12.10 22.47 -3.36
CA GLU A 162 -11.18 23.60 -3.37
C GLU A 162 -11.04 24.25 -4.74
N ALA A 163 -11.33 23.53 -5.83
CA ALA A 163 -11.24 24.13 -7.11
C ALA A 163 -12.18 25.39 -7.25
N ASP A 164 -11.72 26.33 -8.07
CA ASP A 164 -12.51 27.46 -8.46
C ASP A 164 -13.44 27.17 -9.63
N THR A 165 -12.97 26.36 -10.60
CA THR A 165 -13.61 26.16 -11.88
C THR A 165 -13.73 24.64 -12.18
N TYR A 166 -14.90 24.23 -12.62
CA TYR A 166 -15.22 22.78 -12.88
C TYR A 166 -15.73 22.61 -14.29
N VAL A 167 -15.27 21.55 -14.96
CA VAL A 167 -15.92 21.10 -16.19
C VAL A 167 -16.71 19.87 -15.80
N VAL A 168 -18.05 19.93 -15.90
CA VAL A 168 -18.94 18.89 -15.38
C VAL A 168 -19.75 18.37 -16.56
N PHE A 169 -20.21 17.13 -16.42
CA PHE A 169 -20.97 16.51 -17.52
C PHE A 169 -22.33 16.13 -16.97
N ALA A 170 -23.35 16.35 -17.77
CA ALA A 170 -24.73 16.06 -17.38
C ALA A 170 -25.55 15.66 -18.60
N MET A 171 -26.60 14.83 -18.38
CA MET A 171 -27.50 14.52 -19.47
C MET A 171 -28.45 15.70 -19.78
N THR A 172 -28.37 16.18 -21.02
CA THR A 172 -29.38 17.09 -21.53
C THR A 172 -30.48 16.33 -22.28
N ASP A 173 -30.20 15.09 -22.75
CA ASP A 173 -31.28 14.26 -23.46
C ASP A 173 -31.04 12.74 -23.29
N LYS A 174 -31.62 12.19 -22.22
CA LYS A 174 -31.37 10.82 -21.80
C LYS A 174 -31.70 9.89 -22.96
N SER A 175 -32.70 10.24 -23.75
CA SER A 175 -33.10 9.36 -24.86
C SER A 175 -32.04 9.21 -25.93
N GLN A 176 -31.03 10.13 -26.03
CA GLN A 176 -30.02 10.06 -27.07
C GLN A 176 -28.77 9.38 -26.50
N GLY A 177 -28.87 8.90 -25.24
CA GLY A 177 -27.83 8.07 -24.62
C GLY A 177 -26.48 8.82 -24.62
N VAL A 178 -25.47 8.23 -25.28
CA VAL A 178 -24.15 8.78 -25.24
C VAL A 178 -24.11 10.10 -26.01
N HIS A 179 -25.06 10.30 -26.93
CA HIS A 179 -25.19 11.53 -27.65
C HIS A 179 -26.08 12.55 -26.94
N GLY A 180 -26.50 12.25 -25.70
CA GLY A 180 -27.35 13.10 -24.88
C GLY A 180 -26.62 13.88 -23.80
N ILE A 181 -25.28 13.82 -23.77
CA ILE A 181 -24.53 14.36 -22.65
C ILE A 181 -23.98 15.68 -23.16
N SER A 182 -23.90 16.62 -22.25
CA SER A 182 -23.34 17.98 -22.50
C SER A 182 -22.39 18.31 -21.34
N ALA A 183 -21.46 19.24 -21.63
CA ALA A 183 -20.46 19.70 -20.72
C ALA A 183 -20.74 21.16 -20.35
N PHE A 184 -20.52 21.47 -19.10
CA PHE A 184 -20.81 22.72 -18.51
C PHE A 184 -19.59 23.21 -17.72
N ILE A 185 -19.39 24.52 -17.71
CA ILE A 185 -18.39 25.16 -16.85
C ILE A 185 -19.08 25.72 -15.62
N LEU A 186 -18.70 25.22 -14.45
CA LEU A 186 -19.25 25.67 -13.19
C LEU A 186 -18.18 26.45 -12.46
N GLU A 187 -18.65 27.40 -11.60
CA GLU A 187 -17.86 28.09 -10.58
C GLU A 187 -18.23 27.71 -9.18
N LYS A 188 -17.21 27.65 -8.34
CA LYS A 188 -17.38 27.45 -6.93
C LYS A 188 -18.21 28.67 -6.54
N GLY A 189 -19.24 28.38 -5.78
CA GLY A 189 -20.09 29.45 -5.25
C GLY A 189 -21.37 29.61 -6.05
N MET A 190 -21.52 28.94 -7.19
CA MET A 190 -22.80 29.00 -7.91
C MET A 190 -23.95 28.52 -7.04
N PRO A 191 -25.12 29.17 -7.19
CA PRO A 191 -26.31 28.63 -6.48
C PRO A 191 -26.63 27.16 -6.75
N GLY A 192 -26.76 26.42 -5.65
CA GLY A 192 -27.20 25.03 -5.67
C GLY A 192 -26.04 24.03 -5.92
N PHE A 193 -24.81 24.54 -5.92
CA PHE A 193 -23.59 23.77 -6.08
C PHE A 193 -22.89 23.68 -4.73
N ARG A 194 -22.80 22.51 -4.15
CA ARG A 194 -22.09 22.33 -2.89
C ARG A 194 -21.25 21.06 -2.90
N PHE A 195 -20.49 20.84 -1.85
CA PHE A 195 -19.53 19.72 -1.82
C PHE A 195 -19.96 18.80 -0.79
N GLY A 196 -19.74 17.51 -1.02
CA GLY A 196 -20.09 16.54 -0.04
C GLY A 196 -18.85 15.96 0.60
N LYS A 197 -18.81 14.64 0.68
CA LYS A 197 -17.71 13.87 1.28
C LYS A 197 -16.31 14.20 0.70
N ILE A 198 -15.34 14.40 1.57
CA ILE A 198 -13.94 14.44 1.21
C ILE A 198 -13.43 13.00 1.47
N GLU A 199 -12.92 12.39 0.43
CA GLU A 199 -12.50 10.99 0.60
C GLU A 199 -11.30 10.76 1.47
N ASP A 200 -11.29 9.67 2.25
CA ASP A 200 -10.14 9.28 3.11
C ASP A 200 -9.57 8.04 2.40
N LYS A 201 -8.38 8.18 1.82
CA LYS A 201 -7.83 7.23 0.88
C LYS A 201 -6.67 6.47 1.44
N MET A 202 -6.28 5.44 0.68
CA MET A 202 -5.08 4.69 0.98
C MET A 202 -3.82 5.56 0.89
N GLY A 203 -3.84 6.47 -0.07
CA GLY A 203 -2.71 7.27 -0.40
C GLY A 203 -3.21 8.56 -1.08
N GLY A 204 -2.31 9.25 -1.78
CA GLY A 204 -2.64 10.51 -2.41
C GLY A 204 -3.09 11.51 -1.37
N HIS A 205 -2.47 11.45 -0.19
CA HIS A 205 -2.92 12.27 0.90
C HIS A 205 -2.67 13.73 0.73
N THR A 206 -1.79 14.09 -0.21
CA THR A 206 -1.63 15.51 -0.50
C THR A 206 -2.42 15.97 -1.73
N SER A 207 -3.36 15.12 -2.18
CA SER A 207 -4.33 15.45 -3.19
C SER A 207 -5.70 15.46 -2.50
N ILE A 208 -6.54 16.40 -2.85
CA ILE A 208 -7.90 16.42 -2.38
C ILE A 208 -8.83 15.83 -3.40
N THR A 209 -9.75 15.05 -2.89
CA THR A 209 -10.74 14.33 -3.69
C THR A 209 -12.11 14.46 -3.03
N ALA A 210 -13.08 15.01 -3.75
CA ALA A 210 -14.37 15.34 -3.12
C ALA A 210 -15.55 14.99 -3.98
N GLU A 211 -16.68 14.83 -3.32
CA GLU A 211 -18.00 14.75 -3.96
C GLU A 211 -18.52 16.19 -4.32
N LEU A 212 -19.15 16.25 -5.47
CA LEU A 212 -19.89 17.45 -5.91
C LEU A 212 -21.34 17.16 -5.83
N ILE A 213 -22.13 18.12 -5.35
CA ILE A 213 -23.59 17.95 -5.27
C ILE A 213 -24.29 19.15 -5.95
N PHE A 214 -25.24 18.84 -6.84
CA PHE A 214 -26.01 19.82 -7.55
C PHE A 214 -27.48 19.65 -7.13
N GLU A 215 -28.07 20.70 -6.55
CA GLU A 215 -29.47 20.67 -6.14
C GLU A 215 -30.10 21.91 -6.70
N ASP A 216 -30.80 21.74 -7.80
CA ASP A 216 -31.27 22.79 -8.64
C ASP A 216 -30.19 23.85 -8.81
N CYS A 217 -29.03 23.39 -9.24
CA CYS A 217 -27.91 24.26 -9.40
C CYS A 217 -28.12 25.07 -10.66
N GLU A 218 -27.93 26.40 -10.55
CA GLU A 218 -28.29 27.27 -11.68
C GLU A 218 -27.03 27.63 -12.43
N VAL A 219 -26.91 27.18 -13.66
CA VAL A 219 -25.72 27.37 -14.51
C VAL A 219 -26.14 28.30 -15.65
N PRO A 220 -25.47 29.46 -15.80
CA PRO A 220 -25.80 30.26 -16.97
C PRO A 220 -25.74 29.54 -18.27
N LYS A 221 -26.70 29.82 -19.17
CA LYS A 221 -26.77 29.08 -20.42
C LYS A 221 -25.56 29.17 -21.27
N GLU A 222 -24.84 30.30 -21.16
CA GLU A 222 -23.62 30.45 -21.93
C GLU A 222 -22.44 29.63 -21.37
N ASN A 223 -22.64 29.00 -20.25
CA ASN A 223 -21.58 28.16 -19.69
C ASN A 223 -21.72 26.71 -20.15
N LEU A 224 -22.65 26.41 -21.04
CA LEU A 224 -22.49 25.27 -21.87
C LEU A 224 -21.16 25.23 -22.66
N LEU A 225 -20.41 24.12 -22.54
CA LEU A 225 -19.16 24.00 -23.25
C LEU A 225 -19.31 23.10 -24.46
N GLY A 226 -19.01 23.64 -25.65
CA GLY A 226 -19.28 22.99 -26.88
C GLY A 226 -20.76 23.03 -27.15
N LYS A 227 -21.24 22.08 -27.91
CA LYS A 227 -22.64 22.05 -28.31
C LYS A 227 -23.37 21.06 -27.45
N GLU A 228 -24.67 21.26 -27.22
CA GLU A 228 -25.48 20.22 -26.59
C GLU A 228 -25.29 18.88 -27.22
N GLY A 229 -25.06 17.89 -26.38
CA GLY A 229 -24.89 16.54 -26.88
C GLY A 229 -23.45 16.16 -27.25
N GLU A 230 -22.52 17.13 -27.23
CA GLU A 230 -21.08 16.87 -27.48
C GLU A 230 -20.27 16.47 -26.26
N GLY A 231 -20.92 16.33 -25.14
CA GLY A 231 -20.25 16.19 -23.89
C GLY A 231 -19.44 14.94 -23.81
N PHE A 232 -19.94 13.83 -24.37
CA PHE A 232 -19.08 12.61 -24.29
C PHE A 232 -17.79 12.71 -25.05
N LYS A 233 -17.83 13.31 -26.24
CA LYS A 233 -16.65 13.49 -27.01
C LYS A 233 -15.65 14.37 -26.24
N ILE A 234 -16.19 15.40 -25.60
CA ILE A 234 -15.31 16.29 -24.81
C ILE A 234 -14.63 15.51 -23.67
N ALA A 235 -15.43 14.72 -23.00
CA ALA A 235 -14.91 13.86 -21.88
C ALA A 235 -13.86 12.95 -22.37
N MET A 236 -14.08 12.29 -23.49
CA MET A 236 -13.12 11.27 -23.97
C MET A 236 -11.85 11.95 -24.46
N GLU A 237 -11.98 13.02 -25.22
CA GLU A 237 -10.82 13.76 -25.64
C GLU A 237 -10.01 14.28 -24.47
N THR A 238 -10.67 14.74 -23.42
CA THR A 238 -9.97 15.25 -22.30
C THR A 238 -9.13 14.11 -21.57
N LEU A 239 -9.78 12.97 -21.41
CA LEU A 239 -9.20 11.85 -20.71
C LEU A 239 -8.01 11.32 -21.50
N ASP A 240 -8.05 11.38 -22.83
CA ASP A 240 -6.90 10.96 -23.66
C ASP A 240 -5.70 11.79 -23.23
N GLY A 241 -5.86 13.10 -23.02
CA GLY A 241 -4.73 13.86 -22.53
C GLY A 241 -4.40 13.67 -21.07
N GLY A 242 -5.43 13.51 -20.27
CA GLY A 242 -5.21 13.33 -18.84
C GLY A 242 -4.47 12.00 -18.55
N ARG A 243 -4.63 11.00 -19.41
CA ARG A 243 -3.93 9.73 -19.21
C ARG A 243 -2.41 9.93 -19.41
N ILE A 244 -2.02 10.86 -20.23
CA ILE A 244 -0.56 11.18 -20.36
C ILE A 244 -0.06 11.78 -19.07
N GLY A 245 -0.87 12.66 -18.43
CA GLY A 245 -0.56 13.24 -17.13
C GLY A 245 -0.38 12.21 -16.04
N VAL A 246 -1.35 11.28 -15.96
CA VAL A 246 -1.24 10.24 -14.99
C VAL A 246 -0.01 9.35 -15.27
N ALA A 247 0.24 9.04 -16.53
CA ALA A 247 1.44 8.32 -16.92
C ALA A 247 2.69 9.00 -16.39
N ALA A 248 2.75 10.33 -16.53
CA ALA A 248 3.85 11.12 -16.03
C ALA A 248 3.98 11.08 -14.50
N GLN A 249 2.88 11.14 -13.82
CA GLN A 249 2.83 11.04 -12.38
C GLN A 249 3.40 9.68 -12.00
N ALA A 250 2.93 8.61 -12.64
CA ALA A 250 3.43 7.29 -12.29
C ALA A 250 4.94 7.16 -12.54
N LEU A 251 5.40 7.68 -13.65
CA LEU A 251 6.81 7.69 -14.01
C LEU A 251 7.58 8.37 -12.89
N GLY A 252 7.12 9.52 -12.44
CA GLY A 252 7.84 10.25 -11.42
C GLY A 252 7.88 9.54 -10.09
N ILE A 253 6.77 8.92 -9.73
CA ILE A 253 6.66 8.18 -8.48
C ILE A 253 7.68 7.02 -8.59
N ALA A 254 7.71 6.34 -9.73
CA ALA A 254 8.70 5.21 -9.90
C ALA A 254 10.14 5.71 -9.76
N GLU A 255 10.45 6.81 -10.40
CA GLU A 255 11.78 7.39 -10.33
C GLU A 255 12.17 7.81 -8.95
N GLY A 256 11.28 8.50 -8.27
CA GLY A 256 11.46 8.89 -6.84
C GLY A 256 11.79 7.68 -5.97
N ALA A 257 10.96 6.65 -6.10
CA ALA A 257 11.14 5.42 -5.32
C ALA A 257 12.48 4.75 -5.63
N LEU A 258 12.80 4.59 -6.89
CA LEU A 258 14.04 3.94 -7.20
C LEU A 258 15.24 4.78 -6.65
N ALA A 259 15.20 6.09 -6.87
CA ALA A 259 16.28 6.98 -6.42
C ALA A 259 16.48 6.83 -4.92
N ALA A 260 15.39 6.74 -4.16
CA ALA A 260 15.46 6.52 -2.75
C ALA A 260 16.07 5.17 -2.32
N ALA A 261 15.63 4.12 -3.01
CA ALA A 261 16.17 2.82 -2.71
C ALA A 261 17.69 2.70 -3.08
N VAL A 262 18.11 3.25 -4.24
CA VAL A 262 19.49 3.25 -4.69
C VAL A 262 20.36 3.87 -3.65
N LYS A 263 19.94 5.08 -3.26
CA LYS A 263 20.71 5.80 -2.25
C LYS A 263 20.81 5.05 -0.89
N TYR A 264 19.69 4.49 -0.42
CA TYR A 264 19.66 3.67 0.78
C TYR A 264 20.55 2.45 0.67
N SER A 265 20.47 1.81 -0.48
CA SER A 265 21.20 0.55 -0.68
C SER A 265 22.67 0.74 -0.64
N LYS A 266 23.15 1.94 -0.97
CA LYS A 266 24.58 2.23 -1.00
C LYS A 266 25.05 2.61 0.41
N GLU A 267 24.13 3.03 1.27
CA GLU A 267 24.42 3.43 2.62
C GLU A 267 24.28 2.28 3.64
N ARG A 268 23.19 1.54 3.55
CA ARG A 268 22.85 0.49 4.52
C ARG A 268 23.81 -0.74 4.36
N GLU A 269 24.41 -1.18 5.48
CA GLU A 269 25.33 -2.33 5.51
C GLU A 269 24.69 -3.46 6.29
N GLN A 270 24.82 -4.68 5.78
CA GLN A 270 24.59 -5.88 6.52
C GLN A 270 25.66 -6.89 6.05
N PHE A 271 26.11 -7.74 6.91
CA PHE A 271 27.18 -8.68 6.57
C PHE A 271 28.50 -7.96 6.16
N GLY A 272 28.72 -6.75 6.71
CA GLY A 272 29.96 -5.97 6.52
C GLY A 272 30.11 -5.37 5.15
N ARG A 273 29.00 -5.18 4.42
CA ARG A 273 29.05 -4.53 3.13
C ARG A 273 27.75 -3.84 2.81
N SER A 274 27.79 -2.88 1.88
CA SER A 274 26.51 -2.23 1.52
C SER A 274 25.59 -3.24 0.88
N ILE A 275 24.31 -3.11 1.14
CA ILE A 275 23.34 -4.12 0.62
C ILE A 275 23.32 -4.11 -0.93
N SER A 276 23.80 -3.00 -1.52
CA SER A 276 23.93 -2.81 -2.97
C SER A 276 24.99 -3.84 -3.47
N LYS A 277 25.75 -4.49 -2.58
CA LYS A 277 26.69 -5.50 -3.02
C LYS A 277 26.09 -6.89 -3.17
N PHE A 278 24.83 -7.11 -2.85
CA PHE A 278 24.20 -8.42 -2.97
C PHE A 278 23.54 -8.52 -4.35
N GLN A 279 23.93 -9.52 -5.10
CA GLN A 279 23.51 -9.58 -6.49
C GLN A 279 22.01 -9.61 -6.66
N ALA A 280 21.26 -10.27 -5.78
CA ALA A 280 19.80 -10.21 -5.94
C ALA A 280 19.20 -8.80 -5.88
N LEU A 281 19.73 -7.93 -5.02
CA LEU A 281 19.27 -6.56 -4.94
C LEU A 281 19.76 -5.78 -6.15
N GLN A 282 20.99 -6.03 -6.61
CA GLN A 282 21.50 -5.38 -7.85
C GLN A 282 20.57 -5.66 -8.99
N PHE A 283 20.18 -6.92 -9.17
CA PHE A 283 19.30 -7.28 -10.24
C PHE A 283 17.89 -6.70 -10.11
N MET A 284 17.36 -6.64 -8.89
CA MET A 284 16.09 -6.01 -8.64
C MET A 284 16.14 -4.55 -9.04
N MET A 285 17.19 -3.85 -8.65
CA MET A 285 17.33 -2.40 -8.98
C MET A 285 17.60 -2.19 -10.50
N ALA A 286 18.35 -3.12 -11.14
CA ALA A 286 18.49 -3.10 -12.61
C ALA A 286 17.17 -3.19 -13.31
N ASP A 287 16.33 -4.11 -12.91
CA ASP A 287 14.99 -4.31 -13.48
C ASP A 287 14.11 -3.09 -13.26
N MET A 288 14.16 -2.50 -12.07
CA MET A 288 13.43 -1.26 -11.79
C MET A 288 13.84 -0.15 -12.72
N ALA A 289 15.14 0.04 -12.83
CA ALA A 289 15.71 1.11 -13.67
C ALA A 289 15.34 0.90 -15.15
N THR A 290 15.35 -0.36 -15.60
CA THR A 290 14.99 -0.72 -16.97
C THR A 290 13.52 -0.48 -17.31
N LYS A 291 12.64 -0.86 -16.37
CA LYS A 291 11.23 -0.70 -16.59
C LYS A 291 10.92 0.81 -16.65
N ILE A 292 11.62 1.60 -15.83
CA ILE A 292 11.36 3.04 -15.80
C ILE A 292 11.76 3.66 -17.15
N GLU A 293 12.95 3.33 -17.65
CA GLU A 293 13.37 3.82 -18.99
C GLU A 293 12.40 3.42 -20.06
N ALA A 294 11.92 2.22 -20.02
CA ALA A 294 10.93 1.77 -21.01
C ALA A 294 9.60 2.62 -20.88
N ALA A 295 9.17 2.88 -19.68
CA ALA A 295 7.94 3.65 -19.49
C ALA A 295 8.13 5.07 -19.99
N ARG A 296 9.30 5.60 -19.76
CA ARG A 296 9.58 7.06 -20.00
C ARG A 296 9.28 7.32 -21.45
N TYR A 297 9.85 6.55 -22.37
CA TYR A 297 9.65 6.87 -23.80
C TYR A 297 8.20 6.69 -24.28
N LEU A 298 7.42 5.77 -23.66
CA LEU A 298 6.00 5.73 -23.95
C LEU A 298 5.29 7.02 -23.56
N VAL A 299 5.56 7.53 -22.37
CA VAL A 299 4.94 8.72 -21.92
C VAL A 299 5.32 9.89 -22.89
N TYR A 300 6.60 10.01 -23.16
CA TYR A 300 7.12 11.10 -24.03
C TYR A 300 6.60 11.04 -25.44
N HIS A 301 6.42 9.83 -25.96
CA HIS A 301 5.92 9.67 -27.34
C HIS A 301 4.51 10.12 -27.40
N ALA A 302 3.70 9.78 -26.38
CA ALA A 302 2.31 10.23 -26.33
C ALA A 302 2.22 11.77 -26.29
N ALA A 303 3.06 12.38 -25.46
CA ALA A 303 3.05 13.84 -25.32
C ALA A 303 3.37 14.42 -26.67
N MET A 304 4.36 13.88 -27.33
CA MET A 304 4.79 14.41 -28.61
C MET A 304 3.76 14.27 -29.72
N LEU A 305 3.11 13.15 -29.77
CA LEU A 305 2.02 13.03 -30.72
C LEU A 305 0.95 14.04 -30.48
N LYS A 306 0.55 14.23 -29.23
CA LYS A 306 -0.43 15.25 -28.94
C LYS A 306 0.05 16.62 -29.43
N ASN A 307 1.29 16.96 -29.13
CA ASN A 307 1.82 18.25 -29.57
C ASN A 307 1.85 18.44 -31.11
N GLU A 308 2.09 17.34 -31.80
CA GLU A 308 2.20 17.37 -33.26
C GLU A 308 0.82 17.35 -33.93
N GLY A 309 -0.28 17.29 -33.17
CA GLY A 309 -1.64 17.19 -33.67
C GLY A 309 -1.93 15.88 -34.36
N LYS A 310 -1.27 14.80 -33.91
CA LYS A 310 -1.53 13.49 -34.43
C LYS A 310 -2.41 12.71 -33.42
N PRO A 311 -3.05 11.64 -33.89
CA PRO A 311 -3.80 10.76 -32.96
C PRO A 311 -2.87 10.29 -31.86
N TYR A 312 -3.37 10.34 -30.66
CA TYR A 312 -2.57 10.02 -29.46
C TYR A 312 -3.33 9.19 -28.44
N SER A 313 -4.59 8.86 -28.71
CA SER A 313 -5.45 8.10 -27.73
C SER A 313 -4.85 6.75 -27.36
N GLU A 314 -4.42 5.97 -28.36
CA GLU A 314 -3.78 4.64 -28.13
C GLU A 314 -2.44 4.81 -27.44
N ALA A 315 -1.66 5.79 -27.90
CA ALA A 315 -0.40 6.00 -27.27
C ALA A 315 -0.54 6.36 -25.79
N ALA A 316 -1.54 7.17 -25.49
CA ALA A 316 -1.74 7.64 -24.12
C ALA A 316 -2.15 6.47 -23.22
N ALA A 317 -3.08 5.67 -23.76
CA ALA A 317 -3.55 4.50 -22.97
C ALA A 317 -2.39 3.52 -22.72
N MET A 318 -1.51 3.28 -23.70
CA MET A 318 -0.36 2.49 -23.50
C MET A 318 0.58 3.00 -22.45
N ALA A 319 0.84 4.30 -22.49
CA ALA A 319 1.74 4.93 -21.56
C ALA A 319 1.21 4.85 -20.17
N LYS A 320 -0.07 5.10 -20.02
CA LYS A 320 -0.74 5.11 -18.72
C LYS A 320 -0.69 3.71 -18.06
N CYS A 321 -1.06 2.73 -18.85
CA CYS A 321 -1.14 1.37 -18.38
C CYS A 321 0.28 0.89 -17.95
N PHE A 322 1.25 1.07 -18.84
CA PHE A 322 2.60 0.60 -18.61
C PHE A 322 3.27 1.35 -17.47
N ALA A 323 3.18 2.68 -17.45
CA ALA A 323 3.83 3.47 -16.43
C ALA A 323 3.26 3.18 -15.02
N SER A 324 1.94 3.03 -14.95
CA SER A 324 1.29 2.79 -13.68
C SER A 324 1.60 1.38 -13.17
N ASP A 325 1.61 0.41 -14.07
CA ASP A 325 2.07 -0.96 -13.71
C ASP A 325 3.55 -0.98 -13.23
N VAL A 326 4.38 -0.22 -13.92
CA VAL A 326 5.74 -0.02 -13.52
C VAL A 326 5.84 0.61 -12.14
N ALA A 327 5.10 1.70 -11.90
CA ALA A 327 5.17 2.34 -10.64
C ALA A 327 4.77 1.37 -9.51
N MET A 328 3.72 0.54 -9.74
CA MET A 328 3.26 -0.36 -8.71
C MET A 328 4.36 -1.36 -8.40
N GLU A 329 5.01 -1.85 -9.46
CA GLU A 329 6.00 -2.93 -9.24
C GLU A 329 7.27 -2.35 -8.62
N VAL A 330 7.67 -1.19 -9.09
CA VAL A 330 8.86 -0.54 -8.59
C VAL A 330 8.77 -0.13 -7.15
N THR A 331 7.64 0.44 -6.79
CA THR A 331 7.45 0.92 -5.45
C THR A 331 7.34 -0.23 -4.43
N THR A 332 6.73 -1.33 -4.86
CA THR A 332 6.67 -2.52 -4.04
C THR A 332 8.03 -3.04 -3.68
N ASP A 333 8.90 -3.14 -4.66
CA ASP A 333 10.29 -3.56 -4.47
C ASP A 333 11.16 -2.53 -3.74
N ALA A 334 10.87 -1.23 -3.91
CA ALA A 334 11.64 -0.18 -3.21
C ALA A 334 11.36 -0.30 -1.71
N VAL A 335 10.13 -0.59 -1.31
CA VAL A 335 9.85 -0.83 0.09
C VAL A 335 10.66 -2.04 0.56
N GLN A 336 10.73 -3.07 -0.25
CA GLN A 336 11.52 -4.29 0.10
C GLN A 336 12.98 -3.99 0.34
N ILE A 337 13.56 -3.15 -0.50
CA ILE A 337 14.99 -2.76 -0.40
C ILE A 337 15.31 -2.08 0.94
N PHE A 338 14.37 -1.27 1.43
CA PHE A 338 14.52 -0.68 2.76
C PHE A 338 14.35 -1.66 3.92
N GLY A 339 13.78 -2.84 3.69
CA GLY A 339 13.61 -3.81 4.78
C GLY A 339 12.52 -3.30 5.71
N GLY A 340 12.69 -3.56 6.99
CA GLY A 340 11.73 -3.20 7.99
C GLY A 340 11.48 -1.71 8.00
N TYR A 341 12.57 -0.97 7.82
CA TYR A 341 12.52 0.48 7.74
C TYR A 341 11.58 0.98 6.66
N GLY A 342 11.50 0.24 5.56
CA GLY A 342 10.60 0.59 4.50
C GLY A 342 9.12 0.56 4.81
N TYR A 343 8.76 -0.20 5.81
CA TYR A 343 7.34 -0.32 6.24
C TYR A 343 6.94 0.81 7.19
N THR A 344 7.87 1.71 7.48
CA THR A 344 7.61 2.81 8.41
C THR A 344 7.52 4.11 7.69
N VAL A 345 6.70 5.03 8.26
CA VAL A 345 6.48 6.33 7.63
C VAL A 345 7.69 7.25 7.75
N ASP A 346 8.66 6.90 8.58
CA ASP A 346 9.91 7.68 8.70
C ASP A 346 10.80 7.64 7.49
N TYR A 347 10.59 6.64 6.62
CA TYR A 347 11.30 6.49 5.38
C TYR A 347 10.34 6.74 4.21
N PRO A 348 10.79 7.07 2.99
CA PRO A 348 9.89 7.52 1.97
C PRO A 348 9.20 6.48 1.09
N ALA A 349 9.67 5.24 1.21
CA ALA A 349 9.22 4.22 0.32
C ALA A 349 7.75 3.93 0.46
N GLU A 350 7.24 3.85 1.67
CA GLU A 350 5.83 3.46 1.85
C GLU A 350 4.84 4.49 1.27
N ARG A 351 5.18 5.75 1.29
CA ARG A 351 4.38 6.78 0.64
C ARG A 351 4.35 6.60 -0.87
N TYR A 352 5.49 6.35 -1.50
CA TYR A 352 5.49 6.08 -2.92
C TYR A 352 4.64 4.85 -3.29
N MET A 353 4.67 3.81 -2.46
CA MET A 353 3.94 2.53 -2.81
C MET A 353 2.45 2.80 -2.69
N ARG A 354 2.01 3.44 -1.58
CA ARG A 354 0.61 3.77 -1.44
C ARG A 354 0.08 4.70 -2.52
N ASN A 355 0.89 5.59 -2.98
CA ASN A 355 0.49 6.54 -4.00
C ASN A 355 0.54 5.96 -5.41
N ALA A 356 1.33 4.93 -5.62
CA ALA A 356 1.35 4.24 -6.90
C ALA A 356 0.06 3.54 -7.24
N LYS A 357 -0.59 2.91 -6.28
CA LYS A 357 -1.78 2.08 -6.62
C LYS A 357 -2.90 2.87 -7.35
N ILE A 358 -3.12 4.11 -6.95
CA ILE A 358 -4.20 4.89 -7.59
C ILE A 358 -3.93 5.17 -9.05
N THR A 359 -2.66 5.20 -9.44
CA THR A 359 -2.33 5.43 -10.90
C THR A 359 -2.86 4.36 -11.83
N GLN A 360 -3.04 3.17 -11.30
CA GLN A 360 -3.62 2.07 -12.04
C GLN A 360 -5.14 2.18 -12.19
N ILE A 361 -5.75 3.08 -11.45
CA ILE A 361 -7.24 3.20 -11.31
C ILE A 361 -7.83 4.44 -11.90
N TYR A 362 -7.27 5.61 -11.57
CA TYR A 362 -7.95 6.86 -12.00
C TYR A 362 -7.52 7.36 -13.36
N GLU A 363 -8.35 8.23 -13.94
CA GLU A 363 -8.32 8.51 -15.39
C GLU A 363 -8.60 7.35 -16.25
N GLY A 364 -9.34 6.37 -15.67
CA GLY A 364 -9.67 5.19 -16.35
C GLY A 364 -8.75 4.12 -15.83
N THR A 365 -9.34 3.01 -15.50
CA THR A 365 -8.57 1.93 -14.95
C THR A 365 -7.63 1.34 -16.01
N ASN A 366 -6.64 0.57 -15.58
CA ASN A 366 -5.81 -0.10 -16.57
C ASN A 366 -6.55 -1.16 -17.39
N GLN A 367 -7.67 -1.63 -16.89
CA GLN A 367 -8.59 -2.48 -17.71
C GLN A 367 -9.13 -1.65 -18.89
N VAL A 368 -9.56 -0.43 -18.62
CA VAL A 368 -9.90 0.48 -19.73
C VAL A 368 -8.75 0.74 -20.68
N MET A 369 -7.56 0.94 -20.16
CA MET A 369 -6.47 1.15 -21.04
C MET A 369 -6.27 0.00 -22.02
N ARG A 370 -6.43 -1.24 -21.53
CA ARG A 370 -6.28 -2.38 -22.36
C ARG A 370 -7.41 -2.50 -23.35
N ILE A 371 -8.62 -2.07 -22.97
CA ILE A 371 -9.75 -2.02 -23.94
C ILE A 371 -9.38 -1.05 -25.12
N VAL A 372 -8.93 0.14 -24.76
CA VAL A 372 -8.53 1.13 -25.74
C VAL A 372 -7.41 0.65 -26.64
N THR A 373 -6.37 0.08 -26.05
CA THR A 373 -5.24 -0.45 -26.85
C THR A 373 -5.63 -1.62 -27.75
N SER A 374 -6.38 -2.57 -27.21
CA SER A 374 -6.80 -3.73 -28.02
C SER A 374 -7.80 -3.30 -29.10
N ARG A 375 -8.67 -2.31 -28.86
CA ARG A 375 -9.53 -1.86 -29.92
C ARG A 375 -8.69 -1.31 -31.05
N ALA A 376 -7.65 -0.58 -30.71
CA ALA A 376 -6.84 0.13 -31.73
C ALA A 376 -6.07 -0.91 -32.49
N LEU A 377 -5.60 -1.92 -31.76
CA LEU A 377 -4.78 -2.97 -32.37
C LEU A 377 -5.55 -3.82 -33.35
N LEU A 378 -6.80 -4.11 -33.01
CA LEU A 378 -7.60 -5.12 -33.66
C LEU A 378 -8.59 -4.48 -34.64
N ARG A 379 -8.53 -3.17 -34.79
CA ARG A 379 -9.36 -2.48 -35.81
C ARG A 379 -8.96 -2.80 -37.28
N ASP A 380 -9.94 -2.89 -38.16
CA ASP A 380 -9.72 -3.14 -39.62
C ASP A 380 -9.01 -2.08 -40.42
N MET B 1 -1.64 -40.02 1.42
CA MET B 1 -2.05 -38.60 1.43
C MET B 1 -3.50 -38.37 1.73
N ASP B 2 -3.79 -37.37 2.53
CA ASP B 2 -5.10 -37.09 2.97
C ASP B 2 -5.20 -35.59 3.13
N PHE B 3 -6.02 -34.95 2.33
CA PHE B 3 -6.15 -33.49 2.31
C PHE B 3 -7.28 -33.03 3.21
N ASN B 4 -7.95 -33.95 3.89
CA ASN B 4 -9.03 -33.56 4.77
C ASN B 4 -8.51 -33.12 6.16
N LEU B 5 -9.20 -32.18 6.77
CA LEU B 5 -8.86 -31.70 8.12
C LEU B 5 -9.32 -32.75 9.09
N THR B 6 -8.62 -32.88 10.20
CA THR B 6 -9.09 -33.75 11.29
C THR B 6 -10.24 -33.09 11.97
N GLU B 7 -11.00 -33.85 12.78
CA GLU B 7 -12.04 -33.17 13.55
C GLU B 7 -11.54 -32.02 14.43
N ASP B 8 -10.39 -32.21 15.08
CA ASP B 8 -9.80 -31.20 15.96
C ASP B 8 -9.47 -29.99 15.12
N GLN B 9 -8.89 -30.22 13.97
CA GLN B 9 -8.49 -29.06 13.11
C GLN B 9 -9.69 -28.25 12.68
N GLN B 10 -10.74 -28.94 12.19
CA GLN B 10 -11.95 -28.29 11.79
C GLN B 10 -12.63 -27.58 12.96
N MET B 11 -12.67 -28.18 14.13
CA MET B 11 -13.22 -27.49 15.30
C MET B 11 -12.50 -26.18 15.64
N ILE B 12 -11.16 -26.18 15.58
CA ILE B 12 -10.40 -25.00 15.89
C ILE B 12 -10.64 -23.96 14.78
N LYS B 13 -10.57 -24.38 13.50
CA LYS B 13 -10.94 -23.49 12.42
C LYS B 13 -12.28 -22.85 12.69
N ASP B 14 -13.28 -23.63 13.08
CA ASP B 14 -14.61 -23.04 13.33
C ASP B 14 -14.65 -22.09 14.49
N MET B 15 -13.96 -22.41 15.56
CA MET B 15 -13.92 -21.56 16.76
C MET B 15 -13.24 -20.27 16.41
N ALA B 16 -12.15 -20.37 15.62
CA ALA B 16 -11.51 -19.14 15.15
C ALA B 16 -12.39 -18.26 14.28
N ALA B 17 -13.10 -18.85 13.35
CA ALA B 17 -14.04 -18.11 12.51
C ALA B 17 -15.11 -17.45 13.35
N GLU B 18 -15.62 -18.17 14.34
CA GLU B 18 -16.67 -17.60 15.22
C GLU B 18 -16.15 -16.47 16.10
N PHE B 19 -14.95 -16.65 16.60
CA PHE B 19 -14.31 -15.58 17.37
C PHE B 19 -14.12 -14.36 16.50
N ALA B 20 -13.61 -14.56 15.30
CA ALA B 20 -13.33 -13.43 14.41
C ALA B 20 -14.58 -12.66 14.04
N GLU B 21 -15.63 -13.41 13.73
CA GLU B 21 -16.97 -12.79 13.43
C GLU B 21 -17.57 -12.00 14.59
N LYS B 22 -17.51 -12.53 15.81
CA LYS B 22 -18.11 -11.89 16.98
C LYS B 22 -17.24 -10.76 17.52
N PHE B 23 -15.89 -10.92 17.53
CA PHE B 23 -15.06 -10.02 18.26
C PHE B 23 -14.15 -9.16 17.45
N LEU B 24 -13.77 -9.64 16.28
CA LEU B 24 -12.87 -8.82 15.42
C LEU B 24 -13.54 -8.03 14.34
N ALA B 25 -14.41 -8.68 13.58
CA ALA B 25 -15.00 -8.06 12.42
C ALA B 25 -15.80 -6.80 12.71
N PRO B 26 -16.55 -6.75 13.83
CA PRO B 26 -17.36 -5.53 14.10
C PRO B 26 -16.53 -4.27 14.31
N THR B 27 -15.27 -4.42 14.71
CA THR B 27 -14.45 -3.26 15.05
C THR B 27 -13.11 -3.07 14.32
N VAL B 28 -12.78 -4.03 13.44
CA VAL B 28 -11.51 -3.96 12.80
C VAL B 28 -11.33 -2.68 12.01
N GLU B 29 -12.37 -2.20 11.31
CA GLU B 29 -12.26 -0.97 10.51
C GLU B 29 -11.91 0.21 11.38
N GLU B 30 -12.65 0.40 12.48
CA GLU B 30 -12.40 1.48 13.39
C GLU B 30 -11.05 1.34 14.12
N ARG B 31 -10.67 0.14 14.58
CA ARG B 31 -9.36 -0.12 15.20
C ARG B 31 -8.19 0.20 14.22
N ASP B 32 -8.37 -0.18 12.96
CA ASP B 32 -7.29 0.08 11.95
C ASP B 32 -7.12 1.55 11.74
N LYS B 33 -8.23 2.23 11.53
CA LYS B 33 -8.19 3.66 11.27
C LYS B 33 -7.54 4.41 12.42
N ALA B 34 -7.77 3.97 13.64
CA ALA B 34 -7.36 4.68 14.88
C ALA B 34 -6.01 4.21 15.37
N HIS B 35 -5.44 3.20 14.68
CA HIS B 35 -4.21 2.49 15.09
C HIS B 35 -4.31 1.95 16.54
N ILE B 36 -5.33 1.21 16.82
CA ILE B 36 -5.57 0.60 18.09
C ILE B 36 -5.16 -0.87 18.22
N TRP B 37 -4.33 -1.12 19.24
CA TRP B 37 -4.02 -2.46 19.70
C TRP B 37 -4.77 -2.55 21.02
N ASP B 38 -5.84 -3.32 21.05
CA ASP B 38 -6.76 -3.30 22.22
C ASP B 38 -6.46 -4.49 23.09
N ARG B 39 -5.74 -4.22 24.18
CA ARG B 39 -5.32 -5.27 25.09
C ARG B 39 -6.49 -6.13 25.54
N LYS B 40 -7.67 -5.53 25.76
CA LYS B 40 -8.78 -6.33 26.25
C LYS B 40 -9.34 -7.30 25.22
N LEU B 41 -9.24 -6.93 23.97
CA LEU B 41 -9.56 -7.85 22.92
C LEU B 41 -8.56 -9.01 22.77
N ILE B 42 -7.26 -8.69 22.92
CA ILE B 42 -6.21 -9.68 22.92
C ILE B 42 -6.38 -10.64 24.06
N ASP B 43 -6.73 -10.06 25.23
CA ASP B 43 -7.11 -10.88 26.39
C ASP B 43 -8.30 -11.83 26.17
N LYS B 44 -9.35 -11.39 25.49
CA LYS B 44 -10.47 -12.27 25.10
C LYS B 44 -10.00 -13.40 24.21
N MET B 45 -9.09 -13.09 23.28
CA MET B 45 -8.51 -14.14 22.48
C MET B 45 -7.77 -15.18 23.29
N GLY B 46 -6.94 -14.73 24.24
CA GLY B 46 -6.23 -15.61 25.12
C GLY B 46 -7.22 -16.46 25.97
N GLU B 47 -8.25 -15.81 26.46
CA GLU B 47 -9.25 -16.51 27.29
C GLU B 47 -10.04 -17.57 26.53
N ALA B 48 -10.26 -17.34 25.25
CA ALA B 48 -10.84 -18.35 24.36
C ALA B 48 -9.98 -19.54 24.10
N GLY B 49 -8.66 -19.45 24.34
CA GLY B 49 -7.77 -20.56 24.32
C GLY B 49 -6.81 -20.55 23.09
N PHE B 50 -6.84 -19.50 22.29
CA PHE B 50 -6.05 -19.51 21.05
C PHE B 50 -4.56 -19.63 21.26
N CYS B 51 -4.06 -19.13 22.39
CA CYS B 51 -2.61 -19.12 22.61
C CYS B 51 -2.12 -20.43 23.14
N GLY B 52 -3.03 -21.35 23.45
CA GLY B 52 -2.67 -22.62 24.03
C GLY B 52 -2.98 -23.83 23.22
N ILE B 53 -3.50 -23.58 21.99
CA ILE B 53 -3.92 -24.65 21.18
C ILE B 53 -2.91 -25.77 21.03
N CYS B 54 -1.65 -25.44 20.69
CA CYS B 54 -0.68 -26.46 20.40
C CYS B 54 0.30 -26.71 21.55
N PHE B 55 -0.05 -26.39 22.82
CA PHE B 55 0.81 -26.70 23.96
C PHE B 55 0.13 -27.77 24.82
N PRO B 56 0.94 -28.62 25.46
CA PRO B 56 0.38 -29.64 26.34
C PRO B 56 -0.54 -29.07 27.45
N GLU B 57 -1.53 -29.87 27.83
CA GLU B 57 -2.42 -29.54 28.94
C GLU B 57 -1.66 -29.28 30.28
N GLU B 58 -0.57 -29.97 30.51
CA GLU B 58 0.23 -29.70 31.73
C GLU B 58 0.83 -28.26 31.76
N TYR B 59 0.84 -27.55 30.61
CA TYR B 59 1.36 -26.16 30.57
C TYR B 59 0.27 -25.15 30.29
N GLY B 60 -0.97 -25.55 30.58
CA GLY B 60 -2.14 -24.75 30.40
C GLY B 60 -2.74 -24.74 28.99
N GLY B 61 -2.31 -25.65 28.13
CA GLY B 61 -2.73 -25.60 26.70
C GLY B 61 -3.84 -26.59 26.46
N MET B 62 -4.26 -26.70 25.20
CA MET B 62 -5.27 -27.67 24.77
C MET B 62 -4.75 -28.98 24.36
N GLY B 63 -3.46 -29.13 24.18
CA GLY B 63 -2.93 -30.39 23.81
C GLY B 63 -3.08 -30.82 22.32
N LEU B 64 -3.36 -29.88 21.44
CA LEU B 64 -3.63 -30.19 20.02
C LEU B 64 -2.35 -29.94 19.18
N ASP B 65 -2.50 -29.89 17.88
CA ASP B 65 -1.41 -30.07 16.98
C ASP B 65 -1.08 -28.69 16.33
N VAL B 66 0.06 -28.66 15.70
CA VAL B 66 0.57 -27.43 15.09
C VAL B 66 -0.39 -26.86 14.01
N LEU B 67 -0.92 -27.73 13.14
CA LEU B 67 -1.80 -27.22 12.09
C LEU B 67 -3.04 -26.57 12.65
N SER B 68 -3.62 -27.14 13.73
CA SER B 68 -4.76 -26.48 14.35
C SER B 68 -4.49 -25.05 14.71
N TYR B 69 -3.33 -24.78 15.32
CA TYR B 69 -2.91 -23.47 15.65
C TYR B 69 -2.76 -22.58 14.34
N ILE B 70 -2.14 -23.13 13.37
CA ILE B 70 -1.90 -22.43 12.06
C ILE B 70 -3.20 -22.03 11.40
N LEU B 71 -4.20 -22.91 11.46
CA LEU B 71 -5.52 -22.69 10.94
C LEU B 71 -6.18 -21.55 11.66
N ALA B 72 -5.90 -21.43 12.97
CA ALA B 72 -6.50 -20.33 13.72
C ALA B 72 -5.88 -19.02 13.31
N VAL B 73 -4.52 -19.01 13.21
CA VAL B 73 -3.86 -17.81 12.71
C VAL B 73 -4.42 -17.34 11.34
N GLU B 74 -4.56 -18.28 10.44
CA GLU B 74 -5.08 -17.98 9.07
C GLU B 74 -6.54 -17.39 9.15
N GLU B 75 -7.37 -18.06 9.96
CA GLU B 75 -8.75 -17.64 10.07
C GLU B 75 -8.91 -16.28 10.65
N LEU B 76 -8.21 -16.01 11.76
CA LEU B 76 -8.20 -14.67 12.28
C LEU B 76 -7.72 -13.63 11.31
N SER B 77 -6.68 -13.95 10.50
CA SER B 77 -6.10 -13.04 9.55
C SER B 77 -6.94 -12.72 8.35
N LYS B 78 -7.94 -13.57 8.05
CA LYS B 78 -8.94 -13.24 7.05
C LYS B 78 -9.68 -11.96 7.41
N VAL B 79 -9.81 -11.69 8.72
CA VAL B 79 -10.55 -10.57 9.23
C VAL B 79 -9.69 -9.48 9.78
N ASP B 80 -8.73 -9.86 10.64
CA ASP B 80 -7.89 -8.86 11.32
C ASP B 80 -6.53 -9.46 11.49
N ASP B 81 -5.72 -9.25 10.49
CA ASP B 81 -4.41 -9.85 10.58
C ASP B 81 -3.47 -9.19 11.59
N GLY B 82 -3.77 -8.00 12.11
CA GLY B 82 -2.98 -7.43 13.24
C GLY B 82 -3.14 -8.31 14.46
N THR B 83 -4.35 -8.74 14.72
CA THR B 83 -4.65 -9.76 15.74
C THR B 83 -4.05 -11.09 15.45
N GLY B 84 -4.04 -11.52 14.18
CA GLY B 84 -3.35 -12.74 13.81
C GLY B 84 -1.87 -12.75 14.12
N ILE B 85 -1.15 -11.68 13.82
CA ILE B 85 0.27 -11.64 14.06
C ILE B 85 0.55 -11.49 15.56
N THR B 86 -0.40 -10.91 16.29
CA THR B 86 -0.24 -10.77 17.73
C THR B 86 -0.22 -12.15 18.32
N LEU B 87 -1.18 -12.96 17.89
CA LEU B 87 -1.27 -14.38 18.28
C LEU B 87 -0.01 -15.11 17.87
N SER B 88 0.39 -14.89 16.64
CA SER B 88 1.55 -15.68 16.17
C SER B 88 2.81 -15.35 16.94
N ALA B 89 3.02 -14.08 17.24
CA ALA B 89 4.14 -13.72 18.03
C ALA B 89 4.06 -14.26 19.48
N ASN B 90 2.89 -14.19 20.09
CA ASN B 90 2.71 -14.84 21.39
C ASN B 90 3.10 -16.31 21.36
N VAL B 91 2.63 -17.04 20.38
CA VAL B 91 2.80 -18.44 20.30
C VAL B 91 4.09 -18.86 19.68
N SER B 92 4.30 -18.58 18.42
CA SER B 92 5.47 -19.07 17.71
C SER B 92 6.75 -18.43 18.17
N LEU B 93 6.72 -17.14 18.47
CA LEU B 93 7.97 -16.47 18.79
C LEU B 93 8.38 -16.44 20.26
N CYS B 94 7.40 -16.48 21.16
CA CYS B 94 7.69 -16.38 22.61
C CYS B 94 7.44 -17.67 23.32
N ALA B 95 6.23 -18.16 23.30
CA ALA B 95 5.87 -19.35 23.93
C ALA B 95 6.69 -20.55 23.45
N THR B 96 6.85 -20.71 22.12
CA THR B 96 7.47 -21.89 21.63
C THR B 96 8.95 -22.10 22.10
N PRO B 97 9.82 -21.05 22.11
CA PRO B 97 11.20 -21.23 22.54
C PRO B 97 11.24 -21.58 24.05
N ILE B 98 10.35 -20.95 24.81
CA ILE B 98 10.26 -21.37 26.23
C ILE B 98 9.87 -22.86 26.35
N TYR B 99 8.84 -23.28 25.62
CA TYR B 99 8.48 -24.69 25.56
C TYR B 99 9.59 -25.61 25.09
N MET B 100 10.32 -25.20 24.07
N MET B 100 10.34 -25.20 24.08
CA MET B 100 11.33 -26.08 23.50
CA MET B 100 11.36 -26.12 23.56
C MET B 100 12.66 -26.10 24.25
C MET B 100 12.64 -26.15 24.37
N PHE B 101 13.03 -25.04 24.96
CA PHE B 101 14.33 -24.97 25.60
C PHE B 101 14.28 -24.69 27.07
N GLY B 102 13.10 -24.39 27.61
CA GLY B 102 12.95 -24.06 28.99
C GLY B 102 13.03 -25.26 29.92
N THR B 103 13.40 -24.94 31.15
CA THR B 103 13.36 -25.96 32.20
C THR B 103 11.91 -26.07 32.61
N GLU B 104 11.64 -27.09 33.38
CA GLU B 104 10.26 -27.26 33.87
C GLU B 104 9.83 -26.03 34.61
N GLU B 105 10.71 -25.43 35.43
CA GLU B 105 10.29 -24.29 36.20
C GLU B 105 10.00 -23.08 35.33
N GLN B 106 10.85 -22.85 34.34
CA GLN B 106 10.58 -21.73 33.41
C GLN B 106 9.29 -21.93 32.58
N LYS B 107 8.99 -23.15 32.20
CA LYS B 107 7.72 -23.41 31.48
C LYS B 107 6.52 -23.12 32.40
N GLN B 108 6.58 -23.57 33.67
CA GLN B 108 5.46 -23.28 34.56
C GLN B 108 5.28 -21.84 34.83
N LYS B 109 6.38 -21.10 34.96
CA LYS B 109 6.34 -19.70 35.25
C LYS B 109 5.97 -18.83 34.03
N TYR B 110 6.51 -19.21 32.85
CA TYR B 110 6.40 -18.28 31.74
C TYR B 110 5.57 -18.82 30.55
N LEU B 111 5.67 -20.09 30.29
CA LEU B 111 4.87 -20.69 29.21
C LEU B 111 3.40 -20.75 29.62
N ALA B 112 3.14 -21.25 30.81
CA ALA B 112 1.74 -21.53 31.13
C ALA B 112 0.87 -20.31 31.09
N PRO B 113 1.35 -19.13 31.57
CA PRO B 113 0.54 -17.96 31.53
C PRO B 113 0.25 -17.48 30.11
N ILE B 114 1.15 -17.74 29.17
CA ILE B 114 0.79 -17.44 27.72
C ILE B 114 -0.26 -18.42 27.26
N ALA B 115 -0.05 -19.70 27.48
CA ALA B 115 -0.97 -20.76 27.03
C ALA B 115 -2.36 -20.57 27.63
N GLU B 116 -2.41 -20.08 28.86
CA GLU B 116 -3.69 -19.77 29.56
C GLU B 116 -4.32 -18.45 29.17
N GLY B 117 -3.57 -17.65 28.44
CA GLY B 117 -4.15 -16.46 27.89
C GLY B 117 -4.08 -15.17 28.65
N THR B 118 -3.35 -15.13 29.76
CA THR B 118 -3.22 -13.89 30.51
C THR B 118 -2.01 -13.08 30.21
N HIS B 119 -0.99 -13.69 29.64
CA HIS B 119 0.22 -12.95 29.33
C HIS B 119 0.51 -12.96 27.78
N VAL B 120 0.94 -11.81 27.35
CA VAL B 120 1.31 -11.54 25.95
C VAL B 120 2.84 -11.68 25.86
N GLY B 121 3.30 -12.26 24.76
CA GLY B 121 4.74 -12.47 24.60
C GLY B 121 5.33 -11.79 23.40
N ALA B 122 6.65 -11.69 23.37
CA ALA B 122 7.37 -11.02 22.24
C ALA B 122 8.78 -11.60 22.19
N PHE B 123 9.46 -11.36 21.06
CA PHE B 123 10.73 -12.03 20.69
C PHE B 123 11.59 -10.85 20.20
N GLY B 124 12.70 -10.57 20.90
CA GLY B 124 13.55 -9.44 20.65
C GLY B 124 14.94 -9.89 20.15
N LEU B 125 15.00 -10.00 18.82
CA LEU B 125 16.25 -10.36 18.13
C LEU B 125 16.83 -9.17 17.39
N THR B 126 16.07 -8.55 16.53
CA THR B 126 16.57 -7.44 15.63
C THR B 126 17.07 -6.20 16.35
N GLU B 127 18.22 -5.74 15.87
CA GLU B 127 18.86 -4.50 16.28
C GLU B 127 19.08 -3.56 15.14
N PRO B 128 19.36 -2.28 15.38
CA PRO B 128 19.66 -1.39 14.27
C PRO B 128 20.74 -1.87 13.31
N SER B 129 21.76 -2.56 13.80
CA SER B 129 22.80 -3.09 12.89
C SER B 129 22.69 -4.55 12.59
N ALA B 130 21.62 -5.21 13.06
CA ALA B 130 21.46 -6.64 12.94
C ALA B 130 20.01 -6.95 12.57
N GLY B 131 19.74 -6.87 11.25
CA GLY B 131 18.47 -7.23 10.70
C GLY B 131 18.52 -8.59 10.05
N THR B 132 18.78 -8.58 8.74
CA THR B 132 19.01 -9.83 8.03
C THR B 132 20.25 -10.50 8.59
N ASP B 133 21.27 -9.71 8.91
CA ASP B 133 22.52 -10.24 9.51
C ASP B 133 22.26 -10.34 11.02
N ALA B 134 21.47 -11.36 11.39
CA ALA B 134 20.93 -11.45 12.77
C ALA B 134 22.01 -11.79 13.79
N SER B 135 23.08 -12.44 13.34
CA SER B 135 24.19 -12.88 14.24
C SER B 135 25.04 -11.68 14.71
N ALA B 136 24.90 -10.51 14.07
CA ALA B 136 25.70 -9.30 14.39
C ALA B 136 25.14 -8.55 15.62
N GLN B 137 24.89 -9.27 16.69
CA GLN B 137 24.24 -8.74 17.89
C GLN B 137 25.21 -7.87 18.65
N GLN B 138 24.74 -6.72 19.11
CA GLN B 138 25.56 -5.75 19.88
C GLN B 138 25.06 -5.63 21.32
N THR B 139 23.81 -6.05 21.55
CA THR B 139 23.30 -6.15 22.90
C THR B 139 24.19 -7.09 23.69
N THR B 140 24.63 -6.68 24.89
CA THR B 140 25.45 -7.53 25.73
C THR B 140 24.77 -7.93 27.03
N ALA B 141 25.14 -9.08 27.52
CA ALA B 141 24.71 -9.58 28.79
C ALA B 141 25.99 -10.07 29.54
N VAL B 142 26.13 -9.55 30.76
CA VAL B 142 27.33 -9.82 31.59
C VAL B 142 26.85 -10.32 32.94
N LEU B 143 27.26 -11.53 33.28
CA LEU B 143 26.83 -12.15 34.54
C LEU B 143 27.49 -11.47 35.77
N LYS B 144 26.72 -11.00 36.72
CA LYS B 144 27.29 -10.30 37.85
C LYS B 144 26.53 -10.82 39.03
N GLY B 145 27.05 -11.87 39.63
CA GLY B 145 26.45 -12.43 40.81
C GLY B 145 25.24 -13.25 40.43
N ASP B 146 24.09 -12.84 40.90
CA ASP B 146 22.92 -13.64 40.65
C ASP B 146 22.08 -12.99 39.51
N LYS B 147 22.68 -12.02 38.79
CA LYS B 147 22.03 -11.38 37.66
C LYS B 147 22.88 -11.33 36.39
N TYR B 148 22.21 -11.28 35.22
CA TYR B 148 22.95 -10.94 34.05
C TYR B 148 22.60 -9.51 33.89
N ILE B 149 23.55 -8.67 33.51
CA ILE B 149 23.27 -7.29 33.31
C ILE B 149 23.26 -7.05 31.79
N LEU B 150 22.12 -6.60 31.27
CA LEU B 150 21.93 -6.39 29.85
C LEU B 150 21.99 -4.99 29.43
N ASN B 151 22.70 -4.73 28.33
CA ASN B 151 22.80 -3.43 27.77
C ASN B 151 22.60 -3.49 26.23
N GLY B 152 21.76 -2.63 25.67
CA GLY B 152 21.55 -2.61 24.22
C GLY B 152 20.14 -2.19 23.95
N SER B 153 19.65 -2.66 22.82
CA SER B 153 18.28 -2.36 22.43
C SER B 153 17.90 -3.29 21.29
N LYS B 154 16.59 -3.35 21.06
CA LYS B 154 16.00 -4.12 19.98
C LYS B 154 15.02 -3.24 19.27
N ILE B 155 14.86 -3.42 17.97
CA ILE B 155 13.90 -2.61 17.24
C ILE B 155 12.90 -3.48 16.46
N PHE B 156 11.71 -2.94 16.24
CA PHE B 156 10.68 -3.59 15.40
C PHE B 156 10.18 -4.87 16.09
N ILE B 157 9.90 -4.78 17.41
CA ILE B 157 9.49 -5.98 18.14
C ILE B 157 7.95 -6.00 18.17
N THR B 158 7.40 -7.06 17.58
CA THR B 158 5.97 -7.28 17.54
C THR B 158 5.54 -7.54 18.98
N ASN B 159 4.45 -6.90 19.35
CA ASN B 159 3.89 -6.98 20.68
C ASN B 159 4.78 -6.33 21.73
N GLY B 160 5.81 -5.61 21.32
CA GLY B 160 6.66 -4.99 22.30
C GLY B 160 5.88 -3.88 23.03
N LYS B 161 6.41 -3.51 24.18
CA LYS B 161 5.76 -2.65 25.16
C LYS B 161 4.58 -3.31 25.85
N GLU B 162 3.62 -3.79 25.08
CA GLU B 162 2.43 -4.45 25.63
C GLU B 162 2.75 -5.82 26.21
N ALA B 163 3.73 -6.51 25.62
CA ALA B 163 3.94 -7.85 26.06
C ALA B 163 4.41 -7.84 27.49
N ASP B 164 4.04 -8.91 28.17
CA ASP B 164 4.45 -9.20 29.52
C ASP B 164 5.77 -9.98 29.61
N THR B 165 6.05 -10.88 28.64
CA THR B 165 7.17 -11.73 28.67
C THR B 165 7.92 -11.61 27.35
N TYR B 166 9.26 -11.62 27.42
CA TYR B 166 10.09 -11.40 26.25
C TYR B 166 11.18 -12.50 26.24
N VAL B 167 11.42 -13.07 25.07
CA VAL B 167 12.60 -13.83 24.85
C VAL B 167 13.53 -12.94 24.08
N VAL B 168 14.70 -12.63 24.61
CA VAL B 168 15.58 -11.63 24.02
C VAL B 168 17.02 -12.27 23.87
N PHE B 169 17.78 -11.82 22.88
CA PHE B 169 19.07 -12.39 22.52
C PHE B 169 20.14 -11.32 22.79
N ALA B 170 21.24 -11.75 23.35
CA ALA B 170 22.33 -10.84 23.68
C ALA B 170 23.64 -11.58 23.59
N MET B 171 24.71 -10.85 23.29
CA MET B 171 26.09 -11.43 23.32
C MET B 171 26.61 -11.61 24.76
N THR B 172 26.86 -12.83 25.12
CA THR B 172 27.58 -13.16 26.36
C THR B 172 29.10 -13.34 26.07
N ASP B 173 29.48 -13.63 24.83
CA ASP B 173 30.94 -13.67 24.51
C ASP B 173 31.12 -13.25 23.04
N LYS B 174 31.34 -11.95 22.85
CA LYS B 174 31.41 -11.38 21.52
C LYS B 174 32.51 -12.02 20.67
N SER B 175 33.57 -12.50 21.29
CA SER B 175 34.66 -13.08 20.50
C SER B 175 34.31 -14.41 19.89
N GLN B 176 33.21 -15.04 20.33
CA GLN B 176 32.76 -16.26 19.74
C GLN B 176 31.73 -16.06 18.62
N GLY B 177 31.52 -14.82 18.20
CA GLY B 177 30.55 -14.43 17.15
C GLY B 177 29.19 -15.12 17.30
N VAL B 178 28.83 -15.88 16.28
CA VAL B 178 27.52 -16.51 16.27
C VAL B 178 27.40 -17.48 17.46
N HIS B 179 28.52 -17.97 17.95
CA HIS B 179 28.48 -18.87 19.12
C HIS B 179 28.55 -18.22 20.47
N GLY B 180 28.49 -16.92 20.53
CA GLY B 180 28.59 -16.20 21.78
C GLY B 180 27.28 -15.53 22.16
N ILE B 181 26.19 -15.94 21.46
CA ILE B 181 24.88 -15.32 21.69
C ILE B 181 24.12 -16.20 22.66
N SER B 182 23.40 -15.58 23.60
CA SER B 182 22.57 -16.36 24.54
C SER B 182 21.12 -15.79 24.55
N ALA B 183 20.16 -16.57 25.02
CA ALA B 183 18.74 -16.18 25.04
C ALA B 183 18.38 -15.98 26.54
N PHE B 184 17.51 -15.04 26.77
CA PHE B 184 17.02 -14.71 28.18
C PHE B 184 15.55 -14.42 28.18
N ILE B 185 14.89 -14.80 29.29
CA ILE B 185 13.48 -14.50 29.46
C ILE B 185 13.43 -13.23 30.28
N LEU B 186 12.83 -12.23 29.69
CA LEU B 186 12.63 -10.94 30.38
C LEU B 186 11.14 -10.73 30.76
N GLU B 187 10.92 -9.98 31.83
CA GLU B 187 9.55 -9.50 32.18
C GLU B 187 9.46 -8.00 32.07
N LYS B 188 8.28 -7.58 31.65
CA LYS B 188 7.93 -6.21 31.63
C LYS B 188 8.04 -5.75 33.11
N GLY B 189 8.66 -4.65 33.32
CA GLY B 189 8.89 -4.12 34.67
C GLY B 189 10.26 -4.34 35.30
N MET B 190 11.08 -5.25 34.75
CA MET B 190 12.48 -5.33 35.20
C MET B 190 13.17 -4.02 35.14
N PRO B 191 13.93 -3.67 36.21
CA PRO B 191 14.69 -2.41 36.23
C PRO B 191 15.65 -2.36 35.07
N GLY B 192 15.63 -1.22 34.38
CA GLY B 192 16.49 -0.98 33.30
C GLY B 192 15.96 -1.49 31.97
N PHE B 193 14.75 -2.03 31.98
CA PHE B 193 14.08 -2.47 30.72
C PHE B 193 12.99 -1.56 30.38
N ARG B 194 13.17 -0.70 29.38
CA ARG B 194 12.11 0.17 28.98
C ARG B 194 11.85 0.11 27.49
N PHE B 195 10.89 0.89 27.06
CA PHE B 195 10.44 0.83 25.69
C PHE B 195 10.71 2.14 25.06
N GLY B 196 10.97 2.13 23.77
CA GLY B 196 11.26 3.34 22.99
C GLY B 196 10.19 3.65 21.96
N LYS B 197 10.60 3.92 20.75
CA LYS B 197 9.68 4.26 19.68
C LYS B 197 8.66 3.17 19.43
N ILE B 198 7.41 3.57 19.27
CA ILE B 198 6.33 2.71 18.77
C ILE B 198 6.21 3.05 17.31
N GLU B 199 6.39 2.06 16.47
CA GLU B 199 6.53 2.46 15.05
C GLU B 199 5.19 2.90 14.45
N ASP B 200 5.22 3.86 13.53
CA ASP B 200 4.10 4.32 12.74
C ASP B 200 4.34 3.67 11.41
N LYS B 201 3.43 2.82 10.96
CA LYS B 201 3.74 1.94 9.77
C LYS B 201 2.83 2.20 8.63
N MET B 202 3.15 1.61 7.50
CA MET B 202 2.28 1.67 6.35
C MET B 202 0.97 0.95 6.61
N GLY B 203 1.09 -0.15 7.32
CA GLY B 203 -0.06 -1.05 7.69
C GLY B 203 0.20 -1.78 8.97
N GLY B 204 -0.53 -2.86 9.26
CA GLY B 204 -0.38 -3.55 10.49
C GLY B 204 -0.86 -2.66 11.63
N HIS B 205 -1.85 -1.79 11.36
CA HIS B 205 -2.21 -0.79 12.38
C HIS B 205 -2.82 -1.37 13.62
N THR B 206 -3.28 -2.60 13.57
CA THR B 206 -3.85 -3.25 14.78
C THR B 206 -2.80 -4.21 15.41
N SER B 207 -1.54 -4.08 15.00
CA SER B 207 -0.41 -4.75 15.65
C SER B 207 0.46 -3.68 16.19
N ILE B 208 1.10 -3.95 17.34
CA ILE B 208 2.02 -3.04 17.95
C ILE B 208 3.41 -3.52 17.72
N THR B 209 4.24 -2.58 17.40
CA THR B 209 5.65 -2.77 17.09
C THR B 209 6.47 -1.72 17.82
N ALA B 210 7.39 -2.19 18.64
CA ALA B 210 8.16 -1.26 19.54
C ALA B 210 9.65 -1.57 19.66
N GLU B 211 10.36 -0.49 19.89
CA GLU B 211 11.74 -0.56 20.36
C GLU B 211 11.86 -1.00 21.84
N LEU B 212 12.82 -1.86 22.14
CA LEU B 212 13.22 -2.26 23.50
C LEU B 212 14.58 -1.65 23.83
N ILE B 213 14.72 -1.19 25.08
CA ILE B 213 15.94 -0.51 25.58
C ILE B 213 16.38 -1.17 26.86
N PHE B 214 17.68 -1.50 26.91
CA PHE B 214 18.18 -2.14 28.08
C PHE B 214 19.34 -1.30 28.58
N GLU B 215 19.21 -0.79 29.82
CA GLU B 215 20.21 0.09 30.33
C GLU B 215 20.51 -0.49 31.69
N ASP B 216 21.60 -1.21 31.78
CA ASP B 216 21.91 -2.03 32.96
C ASP B 216 20.76 -2.80 33.49
N CYS B 217 20.11 -3.46 32.56
CA CYS B 217 18.91 -4.17 32.87
C CYS B 217 19.26 -5.42 33.65
N GLU B 218 18.58 -5.63 34.78
CA GLU B 218 18.87 -6.75 35.66
C GLU B 218 17.92 -7.93 35.41
N VAL B 219 18.51 -9.01 34.95
CA VAL B 219 17.84 -10.26 34.63
C VAL B 219 18.35 -11.33 35.54
N PRO B 220 17.43 -12.01 36.26
CA PRO B 220 17.85 -13.13 37.05
C PRO B 220 18.70 -14.12 36.25
N LYS B 221 19.79 -14.57 36.84
CA LYS B 221 20.59 -15.66 36.31
C LYS B 221 19.78 -16.89 35.81
N GLU B 222 18.73 -17.26 36.54
CA GLU B 222 17.93 -18.41 36.22
C GLU B 222 16.98 -18.16 35.02
N ASN B 223 16.98 -16.95 34.49
CA ASN B 223 16.14 -16.61 33.32
C ASN B 223 16.97 -16.77 32.02
N LEU B 224 18.24 -17.24 32.12
CA LEU B 224 18.95 -17.73 30.95
C LEU B 224 18.12 -18.85 30.34
N LEU B 225 17.88 -18.79 29.05
CA LEU B 225 17.10 -19.82 28.37
C LEU B 225 17.98 -20.67 27.49
N GLY B 226 18.09 -21.97 27.80
CA GLY B 226 19.13 -22.79 27.23
C GLY B 226 20.53 -22.56 27.83
N LYS B 227 21.56 -23.01 27.15
CA LYS B 227 22.91 -22.84 27.67
C LYS B 227 23.43 -21.52 27.13
N GLU B 228 24.34 -20.91 27.85
CA GLU B 228 25.14 -19.87 27.23
C GLU B 228 25.75 -20.29 25.89
N GLY B 229 25.63 -19.38 24.92
CA GLY B 229 26.16 -19.65 23.57
C GLY B 229 25.19 -20.34 22.63
N GLU B 230 24.05 -20.82 23.13
CA GLU B 230 23.02 -21.44 22.33
C GLU B 230 21.98 -20.51 21.73
N GLY B 231 22.14 -19.22 21.88
CA GLY B 231 21.10 -18.31 21.57
C GLY B 231 20.80 -18.29 20.12
N PHE B 232 21.83 -18.37 19.27
CA PHE B 232 21.54 -18.20 17.86
C PHE B 232 20.73 -19.39 17.34
N LYS B 233 21.06 -20.59 17.77
CA LYS B 233 20.27 -21.77 17.50
C LYS B 233 18.81 -21.68 17.93
N ILE B 234 18.58 -21.20 19.16
CA ILE B 234 17.22 -20.92 19.66
C ILE B 234 16.47 -19.92 18.77
N ALA B 235 17.14 -18.86 18.40
CA ALA B 235 16.57 -17.86 17.47
C ALA B 235 16.21 -18.45 16.14
N MET B 236 17.12 -19.23 15.56
CA MET B 236 16.86 -19.78 14.24
C MET B 236 15.76 -20.84 14.27
N GLU B 237 15.77 -21.72 15.25
CA GLU B 237 14.69 -22.67 15.38
C GLU B 237 13.32 -22.00 15.59
N THR B 238 13.28 -20.95 16.40
CA THR B 238 12.09 -20.18 16.65
C THR B 238 11.58 -19.56 15.34
N LEU B 239 12.49 -18.95 14.60
CA LEU B 239 12.11 -18.32 13.32
C LEU B 239 11.56 -19.30 12.29
N ASP B 240 12.09 -20.53 12.23
CA ASP B 240 11.56 -21.54 11.35
C ASP B 240 10.04 -21.71 11.61
N GLY B 241 9.65 -21.79 12.89
CA GLY B 241 8.22 -21.95 13.16
C GLY B 241 7.45 -20.68 12.89
N GLY B 242 8.05 -19.57 13.25
CA GLY B 242 7.48 -18.23 13.09
C GLY B 242 7.14 -17.94 11.63
N ARG B 243 7.99 -18.46 10.75
CA ARG B 243 7.75 -18.34 9.30
C ARG B 243 6.45 -19.00 8.86
N ILE B 244 6.07 -20.09 9.53
CA ILE B 244 4.81 -20.73 9.23
C ILE B 244 3.64 -19.91 9.62
N GLY B 245 3.72 -19.30 10.79
CA GLY B 245 2.78 -18.29 11.23
C GLY B 245 2.63 -17.11 10.33
N VAL B 246 3.73 -16.49 9.91
CA VAL B 246 3.64 -15.41 8.92
C VAL B 246 3.00 -15.88 7.56
N ALA B 247 3.35 -17.09 7.14
CA ALA B 247 2.78 -17.66 5.94
C ALA B 247 1.26 -17.78 6.07
N ALA B 248 0.82 -18.25 7.26
CA ALA B 248 -0.57 -18.45 7.50
C ALA B 248 -1.28 -17.08 7.51
N GLN B 249 -0.61 -16.07 8.09
CA GLN B 249 -1.10 -14.70 8.10
C GLN B 249 -1.32 -14.16 6.72
N ALA B 250 -0.31 -14.39 5.88
CA ALA B 250 -0.39 -13.93 4.47
C ALA B 250 -1.49 -14.66 3.75
N LEU B 251 -1.63 -15.95 4.02
CA LEU B 251 -2.67 -16.76 3.41
C LEU B 251 -4.05 -16.21 3.78
N GLY B 252 -4.32 -15.94 5.08
CA GLY B 252 -5.56 -15.30 5.50
C GLY B 252 -5.83 -13.98 4.90
N ILE B 253 -4.83 -13.14 4.83
CA ILE B 253 -4.96 -11.83 4.21
C ILE B 253 -5.44 -12.03 2.75
N ALA B 254 -4.78 -12.92 1.98
CA ALA B 254 -5.13 -13.12 0.58
C ALA B 254 -6.53 -13.62 0.45
N GLU B 255 -6.92 -14.53 1.32
CA GLU B 255 -8.22 -15.11 1.26
C GLU B 255 -9.32 -14.08 1.62
N GLY B 256 -9.03 -13.25 2.60
CA GLY B 256 -9.96 -12.21 3.02
C GLY B 256 -10.17 -11.22 1.86
N ALA B 257 -9.06 -10.83 1.22
CA ALA B 257 -9.11 -9.89 0.06
C ALA B 257 -9.85 -10.46 -1.17
N LEU B 258 -9.62 -11.76 -1.44
CA LEU B 258 -10.25 -12.38 -2.60
C LEU B 258 -11.77 -12.42 -2.29
N ALA B 259 -12.09 -12.85 -1.08
CA ALA B 259 -13.51 -13.04 -0.77
C ALA B 259 -14.25 -11.74 -0.86
N ALA B 260 -13.63 -10.65 -0.37
CA ALA B 260 -14.20 -9.25 -0.49
C ALA B 260 -14.41 -8.87 -1.96
N ALA B 261 -13.39 -9.09 -2.78
CA ALA B 261 -13.45 -8.83 -4.19
C ALA B 261 -14.48 -9.65 -4.98
N VAL B 262 -14.57 -10.91 -4.68
CA VAL B 262 -15.60 -11.77 -5.28
C VAL B 262 -16.99 -11.23 -4.98
N LYS B 263 -17.23 -10.97 -3.69
CA LYS B 263 -18.52 -10.56 -3.33
C LYS B 263 -18.93 -9.24 -4.00
N TYR B 264 -17.95 -8.33 -4.02
CA TYR B 264 -18.18 -7.04 -4.62
C TYR B 264 -18.43 -7.15 -6.11
N SER B 265 -17.67 -7.98 -6.78
CA SER B 265 -17.79 -8.18 -8.21
C SER B 265 -19.13 -8.77 -8.64
N LYS B 266 -19.76 -9.47 -7.73
CA LYS B 266 -21.10 -9.97 -8.02
C LYS B 266 -22.20 -8.97 -7.86
N GLU B 267 -21.96 -7.93 -7.12
CA GLU B 267 -22.93 -6.91 -6.71
C GLU B 267 -22.78 -5.66 -7.57
N ARG B 268 -21.55 -5.24 -7.87
CA ARG B 268 -21.27 -4.02 -8.61
C ARG B 268 -21.56 -4.21 -10.09
N GLU B 269 -22.41 -3.31 -10.67
CA GLU B 269 -22.73 -3.32 -12.07
C GLU B 269 -22.18 -2.15 -12.82
N GLN B 270 -21.63 -2.40 -14.00
CA GLN B 270 -21.31 -1.35 -15.01
C GLN B 270 -21.71 -1.96 -16.35
N PHE B 271 -22.16 -1.13 -17.33
CA PHE B 271 -22.57 -1.57 -18.63
C PHE B 271 -23.72 -2.59 -18.53
N GLY B 272 -24.54 -2.51 -17.49
CA GLY B 272 -25.75 -3.31 -17.44
C GLY B 272 -25.54 -4.72 -16.98
N ARG B 273 -24.38 -5.00 -16.38
CA ARG B 273 -24.08 -6.40 -15.90
C ARG B 273 -23.17 -6.33 -14.66
N SER B 274 -23.15 -7.37 -13.86
CA SER B 274 -22.18 -7.39 -12.78
C SER B 274 -20.76 -7.40 -13.38
N ILE B 275 -19.80 -6.76 -12.70
CA ILE B 275 -18.45 -6.66 -13.30
C ILE B 275 -17.81 -8.06 -13.37
N SER B 276 -18.33 -8.99 -12.55
CA SER B 276 -17.90 -10.38 -12.58
C SER B 276 -18.21 -11.00 -13.97
N LYS B 277 -18.99 -10.35 -14.81
CA LYS B 277 -19.31 -10.85 -16.17
C LYS B 277 -18.28 -10.48 -17.20
N PHE B 278 -17.27 -9.71 -16.84
CA PHE B 278 -16.22 -9.35 -17.82
C PHE B 278 -15.07 -10.38 -17.70
N GLN B 279 -14.67 -10.92 -18.83
CA GLN B 279 -13.67 -11.97 -18.82
C GLN B 279 -12.34 -11.64 -18.23
N ALA B 280 -11.82 -10.43 -18.43
CA ALA B 280 -10.55 -10.07 -17.88
C ALA B 280 -10.64 -10.15 -16.36
N LEU B 281 -11.74 -9.70 -15.77
CA LEU B 281 -11.89 -9.77 -14.31
C LEU B 281 -12.10 -11.20 -13.79
N GLN B 282 -12.82 -11.99 -14.57
CA GLN B 282 -12.97 -13.40 -14.28
C GLN B 282 -11.61 -14.09 -14.20
N PHE B 283 -10.74 -13.81 -15.16
CA PHE B 283 -9.43 -14.45 -15.22
C PHE B 283 -8.56 -13.95 -14.08
N MET B 284 -8.65 -12.67 -13.74
CA MET B 284 -7.84 -12.19 -12.63
C MET B 284 -8.25 -12.84 -11.36
N MET B 285 -9.55 -12.98 -11.12
CA MET B 285 -10.01 -13.67 -9.96
C MET B 285 -9.72 -15.17 -9.90
N ALA B 286 -9.70 -15.83 -11.07
CA ALA B 286 -9.33 -17.25 -11.18
C ALA B 286 -7.88 -17.39 -10.76
N ASP B 287 -7.04 -16.45 -11.21
CA ASP B 287 -5.62 -16.50 -10.92
C ASP B 287 -5.39 -16.28 -9.43
N MET B 288 -6.11 -15.32 -8.85
CA MET B 288 -6.06 -15.05 -7.40
C MET B 288 -6.41 -16.33 -6.63
N ALA B 289 -7.48 -16.98 -7.02
CA ALA B 289 -7.99 -18.14 -6.30
C ALA B 289 -7.01 -19.29 -6.38
N THR B 290 -6.46 -19.45 -7.54
CA THR B 290 -5.47 -20.51 -7.80
C THR B 290 -4.17 -20.36 -7.04
N LYS B 291 -3.63 -19.16 -7.00
CA LYS B 291 -2.45 -18.83 -6.22
C LYS B 291 -2.66 -19.08 -4.72
N ILE B 292 -3.87 -18.75 -4.23
CA ILE B 292 -4.19 -18.97 -2.85
C ILE B 292 -4.22 -20.46 -2.52
N GLU B 293 -4.87 -21.24 -3.34
CA GLU B 293 -4.85 -22.67 -3.12
C GLU B 293 -3.43 -23.22 -3.16
N ALA B 294 -2.61 -22.84 -4.13
CA ALA B 294 -1.23 -23.29 -4.16
C ALA B 294 -0.45 -22.91 -2.87
N ALA B 295 -0.70 -21.73 -2.36
CA ALA B 295 0.00 -21.32 -1.16
C ALA B 295 -0.46 -22.12 0.05
N ARG B 296 -1.76 -22.39 0.14
CA ARG B 296 -2.37 -23.06 1.30
C ARG B 296 -1.62 -24.34 1.60
N TYR B 297 -1.37 -25.18 0.60
CA TYR B 297 -0.78 -26.47 0.88
C TYR B 297 0.64 -26.36 1.27
N LEU B 298 1.40 -25.35 0.77
CA LEU B 298 2.72 -25.11 1.27
C LEU B 298 2.74 -24.81 2.80
N VAL B 299 1.78 -24.01 3.22
CA VAL B 299 1.67 -23.59 4.64
C VAL B 299 1.30 -24.85 5.46
N TYR B 300 0.27 -25.58 5.01
CA TYR B 300 -0.17 -26.73 5.82
C TYR B 300 0.89 -27.82 5.84
N HIS B 301 1.65 -27.98 4.79
CA HIS B 301 2.71 -28.98 4.79
C HIS B 301 3.80 -28.67 5.76
N ALA B 302 4.24 -27.39 5.77
CA ALA B 302 5.21 -26.92 6.76
C ALA B 302 4.74 -27.19 8.19
N ALA B 303 3.48 -26.90 8.47
CA ALA B 303 2.93 -27.10 9.79
C ALA B 303 2.89 -28.58 10.16
N MET B 304 2.48 -29.42 9.22
CA MET B 304 2.49 -30.89 9.45
C MET B 304 3.88 -31.47 9.66
N LEU B 305 4.89 -30.94 8.95
CA LEU B 305 6.23 -31.41 9.14
C LEU B 305 6.68 -31.07 10.55
N LYS B 306 6.45 -29.84 10.96
CA LYS B 306 6.81 -29.48 12.33
C LYS B 306 6.08 -30.40 13.34
N ASN B 307 4.81 -30.60 13.14
CA ASN B 307 4.07 -31.49 14.07
C ASN B 307 4.59 -32.93 14.08
N GLU B 308 5.14 -33.43 12.97
CA GLU B 308 5.67 -34.78 12.88
C GLU B 308 7.08 -34.88 13.38
N GLY B 309 7.72 -33.78 13.76
CA GLY B 309 9.05 -33.81 14.33
C GLY B 309 10.06 -34.00 13.24
N LYS B 310 9.69 -33.60 12.00
CA LYS B 310 10.59 -33.70 10.88
C LYS B 310 11.23 -32.35 10.59
N PRO B 311 12.30 -32.31 9.78
CA PRO B 311 12.90 -30.99 9.41
C PRO B 311 11.86 -30.15 8.61
N TYR B 312 11.74 -28.86 8.90
CA TYR B 312 10.69 -28.07 8.28
C TYR B 312 11.21 -26.68 7.94
N SER B 313 12.48 -26.40 8.16
CA SER B 313 13.03 -25.07 7.91
C SER B 313 12.83 -24.67 6.45
N GLU B 314 13.19 -25.53 5.48
CA GLU B 314 13.04 -25.21 4.09
C GLU B 314 11.56 -25.09 3.72
N ALA B 315 10.74 -25.97 4.26
CA ALA B 315 9.29 -25.96 3.97
C ALA B 315 8.69 -24.63 4.45
N ALA B 316 9.10 -24.22 5.63
CA ALA B 316 8.57 -22.98 6.19
C ALA B 316 9.05 -21.76 5.43
N ALA B 317 10.28 -21.75 4.96
CA ALA B 317 10.81 -20.65 4.13
C ALA B 317 10.05 -20.55 2.76
N MET B 318 9.87 -21.69 2.10
CA MET B 318 9.02 -21.73 0.89
C MET B 318 7.62 -21.26 1.13
N ALA B 319 6.94 -21.72 2.18
CA ALA B 319 5.64 -21.30 2.42
C ALA B 319 5.55 -19.83 2.67
N LYS B 320 6.43 -19.33 3.50
CA LYS B 320 6.46 -17.91 3.80
C LYS B 320 6.70 -17.04 2.56
N CYS B 321 7.69 -17.40 1.77
CA CYS B 321 8.05 -16.65 0.57
C CYS B 321 6.85 -16.65 -0.39
N PHE B 322 6.31 -17.83 -0.62
CA PHE B 322 5.26 -17.99 -1.61
C PHE B 322 3.96 -17.28 -1.15
N ALA B 323 3.55 -17.57 0.07
CA ALA B 323 2.27 -17.03 0.54
C ALA B 323 2.30 -15.49 0.65
N SER B 324 3.42 -14.92 1.09
CA SER B 324 3.55 -13.46 1.16
C SER B 324 3.57 -12.85 -0.21
N ASP B 325 4.21 -13.48 -1.19
CA ASP B 325 4.18 -12.95 -2.57
C ASP B 325 2.78 -13.01 -3.16
N VAL B 326 2.08 -14.12 -2.88
CA VAL B 326 0.69 -14.27 -3.25
C VAL B 326 -0.15 -13.21 -2.57
N ALA B 327 0.02 -12.97 -1.26
CA ALA B 327 -0.80 -11.98 -0.62
C ALA B 327 -0.61 -10.60 -1.27
N MET B 328 0.65 -10.30 -1.56
CA MET B 328 0.91 -8.99 -2.18
C MET B 328 0.25 -8.81 -3.57
N GLU B 329 0.34 -9.85 -4.39
CA GLU B 329 -0.26 -9.85 -5.75
C GLU B 329 -1.78 -9.86 -5.69
N VAL B 330 -2.33 -10.69 -4.84
CA VAL B 330 -3.79 -10.77 -4.67
C VAL B 330 -4.41 -9.48 -4.16
N THR B 331 -3.79 -8.90 -3.12
CA THR B 331 -4.38 -7.68 -2.49
C THR B 331 -4.26 -6.55 -3.44
N THR B 332 -3.22 -6.48 -4.20
CA THR B 332 -3.06 -5.41 -5.17
C THR B 332 -4.16 -5.51 -6.31
N ASP B 333 -4.49 -6.74 -6.73
CA ASP B 333 -5.56 -6.94 -7.70
C ASP B 333 -6.93 -6.76 -7.03
N ALA B 334 -7.09 -7.13 -5.74
CA ALA B 334 -8.39 -6.91 -5.09
C ALA B 334 -8.74 -5.45 -5.02
N VAL B 335 -7.77 -4.57 -4.71
CA VAL B 335 -7.98 -3.15 -4.80
C VAL B 335 -8.45 -2.77 -6.17
N GLN B 336 -7.81 -3.31 -7.19
CA GLN B 336 -8.16 -3.04 -8.55
C GLN B 336 -9.62 -3.36 -8.89
N ILE B 337 -10.09 -4.50 -8.41
CA ILE B 337 -11.47 -4.97 -8.69
C ILE B 337 -12.53 -4.01 -8.09
N PHE B 338 -12.21 -3.39 -6.96
CA PHE B 338 -13.13 -2.36 -6.35
C PHE B 338 -13.07 -0.99 -7.04
N GLY B 339 -12.11 -0.81 -7.91
CA GLY B 339 -11.97 0.43 -8.68
C GLY B 339 -11.64 1.57 -7.76
N GLY B 340 -12.24 2.74 -8.01
CA GLY B 340 -11.95 3.89 -7.16
C GLY B 340 -12.28 3.63 -5.69
N TYR B 341 -13.41 3.00 -5.44
CA TYR B 341 -13.85 2.60 -4.10
C TYR B 341 -12.75 1.90 -3.34
N GLY B 342 -12.03 1.05 -4.06
CA GLY B 342 -10.93 0.33 -3.49
C GLY B 342 -9.80 1.13 -2.92
N TYR B 343 -9.64 2.35 -3.37
CA TYR B 343 -8.56 3.20 -2.90
C TYR B 343 -9.05 3.98 -1.67
N THR B 344 -10.28 3.71 -1.21
CA THR B 344 -10.82 4.44 -0.06
C THR B 344 -10.91 3.55 1.17
N VAL B 345 -10.83 4.15 2.35
CA VAL B 345 -10.75 3.38 3.57
C VAL B 345 -12.12 2.89 3.95
N ASP B 346 -13.17 3.40 3.30
CA ASP B 346 -14.53 2.85 3.56
C ASP B 346 -14.79 1.45 3.01
N TYR B 347 -13.89 0.97 2.15
CA TYR B 347 -13.93 -0.39 1.66
C TYR B 347 -12.72 -1.17 2.21
N PRO B 348 -12.76 -2.49 2.22
CA PRO B 348 -11.78 -3.29 2.95
C PRO B 348 -10.46 -3.60 2.22
N ALA B 349 -10.45 -3.34 0.92
CA ALA B 349 -9.35 -3.72 0.13
C ALA B 349 -8.03 -3.07 0.45
N GLU B 350 -8.05 -1.77 0.76
CA GLU B 350 -6.80 -1.02 0.91
C GLU B 350 -6.10 -1.48 2.17
N ARG B 351 -6.84 -1.87 3.18
CA ARG B 351 -6.22 -2.39 4.38
C ARG B 351 -5.51 -3.73 4.20
N TYR B 352 -6.15 -4.64 3.47
CA TYR B 352 -5.48 -5.88 3.10
C TYR B 352 -4.21 -5.62 2.33
N MET B 353 -4.23 -4.72 1.36
CA MET B 353 -3.05 -4.48 0.56
C MET B 353 -1.92 -3.87 1.38
N ARG B 354 -2.24 -2.87 2.23
CA ARG B 354 -1.23 -2.32 3.09
C ARG B 354 -0.65 -3.34 4.03
N ASN B 355 -1.48 -4.18 4.58
CA ASN B 355 -1.04 -5.22 5.46
C ASN B 355 -0.24 -6.35 4.82
N ALA B 356 -0.52 -6.66 3.54
CA ALA B 356 0.22 -7.73 2.84
C ALA B 356 1.69 -7.44 2.78
N LYS B 357 2.08 -6.18 2.58
CA LYS B 357 3.46 -5.87 2.27
C LYS B 357 4.43 -6.30 3.33
N ILE B 358 4.04 -6.14 4.60
CA ILE B 358 4.95 -6.49 5.70
C ILE B 358 5.19 -7.97 5.79
N THR B 359 4.27 -8.80 5.26
CA THR B 359 4.51 -10.26 5.26
C THR B 359 5.72 -10.66 4.39
N GLN B 360 6.13 -9.82 3.47
CA GLN B 360 7.29 -10.06 2.59
C GLN B 360 8.61 -9.71 3.26
N ILE B 361 8.53 -9.08 4.41
CA ILE B 361 9.70 -8.47 5.10
C ILE B 361 9.91 -9.11 6.48
N TYR B 362 8.89 -9.17 7.32
CA TYR B 362 9.13 -9.65 8.70
C TYR B 362 9.22 -11.16 8.87
N GLU B 363 9.80 -11.57 10.02
CA GLU B 363 10.30 -12.92 10.22
C GLU B 363 11.32 -13.38 9.15
N GLY B 364 12.07 -12.42 8.60
CA GLY B 364 13.06 -12.75 7.60
C GLY B 364 12.46 -12.28 6.31
N THR B 365 13.20 -11.50 5.55
CA THR B 365 12.63 -11.05 4.30
C THR B 365 12.54 -12.21 3.27
N ASN B 366 11.82 -11.99 2.17
CA ASN B 366 11.73 -12.99 1.18
C ASN B 366 13.07 -13.23 0.45
N GLN B 367 14.02 -12.31 0.59
CA GLN B 367 15.36 -12.60 0.09
C GLN B 367 15.95 -13.68 1.01
N VAL B 368 15.82 -13.51 2.35
CA VAL B 368 16.31 -14.55 3.28
C VAL B 368 15.65 -15.85 2.95
N MET B 369 14.34 -15.85 2.69
CA MET B 369 13.63 -17.09 2.39
C MET B 369 14.28 -17.80 1.20
N ARG B 370 14.67 -17.01 0.21
CA ARG B 370 15.34 -17.59 -1.01
C ARG B 370 16.77 -18.06 -0.78
N ILE B 371 17.45 -17.49 0.20
CA ILE B 371 18.77 -17.96 0.66
C ILE B 371 18.51 -19.30 1.30
N VAL B 372 17.55 -19.37 2.18
CA VAL B 372 17.35 -20.65 2.94
C VAL B 372 16.98 -21.75 1.94
N THR B 373 16.06 -21.44 1.02
CA THR B 373 15.59 -22.43 0.05
C THR B 373 16.67 -22.89 -0.90
N SER B 374 17.44 -21.92 -1.42
CA SER B 374 18.50 -22.23 -2.34
C SER B 374 19.62 -23.00 -1.66
N ARG B 375 19.89 -22.69 -0.41
CA ARG B 375 20.93 -23.43 0.27
C ARG B 375 20.53 -24.87 0.41
N ALA B 376 19.27 -25.13 0.68
CA ALA B 376 18.77 -26.53 0.84
C ALA B 376 18.74 -27.24 -0.52
N LEU B 377 18.37 -26.52 -1.57
CA LEU B 377 18.34 -27.04 -2.92
C LEU B 377 19.73 -27.47 -3.40
N LEU B 378 20.70 -26.60 -3.19
CA LEU B 378 22.02 -26.70 -3.68
C LEU B 378 23.03 -27.46 -2.81
N ARG B 379 22.53 -27.98 -1.67
CA ARG B 379 23.34 -28.62 -0.61
C ARG B 379 23.98 -29.89 -1.14
N ASP B 380 25.34 -29.90 -1.01
CA ASP B 380 26.31 -31.04 -0.92
C ASP B 380 27.59 -30.76 -1.75
#